data_3LJY
#
_entry.id   3LJY
#
_cell.length_a   65.951
_cell.length_b   55.330
_cell.length_c   120.613
_cell.angle_alpha   90.000
_cell.angle_beta   105.400
_cell.angle_gamma   90.000
#
_symmetry.space_group_name_H-M   'P 1 2 1'
#
loop_
_entity.id
_entity.type
_entity.pdbx_description
1 polymer 'putative adhesin'
2 non-polymer DI(HYDROXYETHYL)ETHER
3 non-polymer 'CHLORIDE ION'
4 non-polymer 'TRIETHYLENE GLYCOL'
5 water water
#
_entity_poly.entity_id   1
_entity_poly.type   'polypeptide(L)'
_entity_poly.pdbx_seq_one_letter_code
;GAADHVKGDGKLTSKKISVADYNEIKVDGVIDFNYEQSDDPSTVEVTVDQNLHPYVNIEVKDRVLTIAFKGAKVDHFTKF
IVKTNSKWLAAAKVSGNANF(MSE)VNSPLTGDETVIKANANSLVQLKETVTVGKLDLNVSGSAN(MSE)VVNHLEADKI
ECDIDGSGSITIKKGNAKEGDYSIVSSGDIHAFGLAVPQLSCKVTGNGLAEVHATDNLKANVVGKGNIRYKGPTAVQQRI
IGKGTVEEVKE
;
_entity_poly.pdbx_strand_id   A,B,C
#
# COMPACT_ATOMS: atom_id res chain seq x y z
N ASP A 4 -26.89 -10.46 20.95
CA ASP A 4 -28.28 -10.46 20.36
C ASP A 4 -28.30 -11.02 18.96
N HIS A 5 -29.28 -11.86 18.68
CA HIS A 5 -29.46 -12.41 17.36
C HIS A 5 -30.74 -11.88 16.73
N VAL A 6 -30.69 -11.62 15.42
CA VAL A 6 -31.88 -11.21 14.66
C VAL A 6 -32.00 -11.99 13.34
N LYS A 7 -33.25 -12.21 12.94
CA LYS A 7 -33.60 -12.89 11.69
C LYS A 7 -34.35 -11.88 10.81
N GLY A 8 -34.10 -11.93 9.51
CA GLY A 8 -34.81 -11.05 8.59
C GLY A 8 -36.28 -11.42 8.55
N ASP A 9 -37.16 -10.43 8.45
CA ASP A 9 -38.61 -10.69 8.42
C ASP A 9 -39.17 -11.07 7.02
N GLY A 10 -38.32 -11.15 6.01
CA GLY A 10 -38.72 -11.62 4.67
C GLY A 10 -39.24 -10.56 3.70
N LYS A 11 -39.48 -9.33 4.20
CA LYS A 11 -40.06 -8.25 3.42
C LYS A 11 -38.99 -7.23 3.11
N LEU A 12 -38.56 -7.24 1.85
CA LEU A 12 -37.52 -6.40 1.33
C LEU A 12 -37.96 -4.97 1.11
N THR A 13 -37.23 -4.02 1.69
CA THR A 13 -37.46 -2.61 1.45
C THR A 13 -36.13 -1.92 1.14
N SER A 14 -36.21 -0.77 0.50
N SER A 14 -36.20 -0.76 0.51
CA SER A 14 -35.05 0.02 0.06
CA SER A 14 -35.04 0.00 0.06
C SER A 14 -34.91 1.28 0.90
C SER A 14 -34.90 1.29 0.85
N LYS A 15 -33.68 1.62 1.27
CA LYS A 15 -33.38 2.94 1.90
C LYS A 15 -32.10 3.47 1.26
N LYS A 16 -32.00 4.78 1.11
CA LYS A 16 -30.95 5.43 0.35
C LYS A 16 -30.38 6.63 1.10
N ILE A 17 -29.05 6.78 1.10
CA ILE A 17 -28.37 7.91 1.75
C ILE A 17 -27.24 8.44 0.89
N SER A 18 -26.73 9.62 1.26
CA SER A 18 -25.59 10.27 0.64
C SER A 18 -24.34 9.93 1.40
N VAL A 19 -23.23 9.73 0.69
CA VAL A 19 -21.97 9.38 1.30
C VAL A 19 -20.87 10.26 0.72
N ALA A 20 -19.74 10.38 1.45
CA ALA A 20 -18.57 11.09 0.90
C ALA A 20 -18.12 10.28 -0.29
N ASP A 21 -17.37 10.90 -1.19
CA ASP A 21 -16.82 10.19 -2.33
C ASP A 21 -15.74 9.19 -1.89
N TYR A 22 -15.64 8.08 -2.61
CA TYR A 22 -14.75 7.00 -2.25
C TYR A 22 -14.13 6.45 -3.54
N ASN A 23 -12.93 5.89 -3.44
CA ASN A 23 -12.24 5.27 -4.59
C ASN A 23 -11.88 3.82 -4.33
N GLU A 24 -12.35 3.31 -3.22
CA GLU A 24 -12.04 1.97 -2.82
C GLU A 24 -13.26 1.36 -2.12
N ILE A 25 -13.46 0.08 -2.36
CA ILE A 25 -14.59 -0.68 -1.79
C ILE A 25 -14.13 -1.95 -1.10
N LYS A 26 -14.68 -2.24 0.08
CA LYS A 26 -14.47 -3.53 0.76
C LYS A 26 -15.81 -4.18 0.99
N VAL A 27 -16.03 -5.35 0.39
CA VAL A 27 -17.29 -6.08 0.56
C VAL A 27 -17.07 -7.54 1.00
N ASP A 28 -17.86 -7.91 1.99
CA ASP A 28 -17.79 -9.21 2.64
C ASP A 28 -19.23 -9.69 2.80
N GLY A 29 -19.48 -10.97 2.97
CA GLY A 29 -20.82 -11.47 3.19
C GLY A 29 -21.56 -11.73 1.91
N VAL A 30 -22.77 -12.28 2.03
CA VAL A 30 -23.63 -12.63 0.88
C VAL A 30 -24.45 -11.40 0.44
N ILE A 31 -23.80 -10.53 -0.33
CA ILE A 31 -24.32 -9.24 -0.70
C ILE A 31 -24.24 -9.12 -2.22
N ASP A 32 -25.33 -8.67 -2.87
CA ASP A 32 -25.27 -8.28 -4.30
C ASP A 32 -24.91 -6.79 -4.39
N PHE A 33 -23.69 -6.48 -4.83
CA PHE A 33 -23.10 -5.12 -4.67
C PHE A 33 -22.88 -4.50 -6.05
N ASN A 34 -23.73 -3.53 -6.36
CA ASN A 34 -23.77 -2.91 -7.67
C ASN A 34 -23.06 -1.56 -7.64
N TYR A 35 -22.07 -1.39 -8.53
CA TYR A 35 -21.28 -0.17 -8.55
C TYR A 35 -21.34 0.48 -9.96
N GLU A 36 -21.40 1.80 -9.99
CA GLU A 36 -21.20 2.53 -11.23
C GLU A 36 -20.26 3.71 -11.05
N GLN A 37 -19.48 3.99 -12.09
CA GLN A 37 -18.62 5.16 -12.07
C GLN A 37 -19.39 6.34 -12.62
N SER A 38 -19.53 7.38 -11.80
CA SER A 38 -20.25 8.58 -12.21
C SER A 38 -19.81 9.81 -11.40
N ASP A 39 -19.97 10.99 -12.02
CA ASP A 39 -19.76 12.27 -11.35
C ASP A 39 -20.93 12.73 -10.49
N ASP A 40 -22.05 12.00 -10.51
CA ASP A 40 -23.19 12.39 -9.65
C ASP A 40 -22.76 12.22 -8.21
N PRO A 41 -23.33 13.02 -7.30
CA PRO A 41 -23.00 12.85 -5.90
C PRO A 41 -23.21 11.41 -5.44
N SER A 42 -22.22 10.88 -4.72
CA SER A 42 -22.24 9.50 -4.27
C SER A 42 -23.39 9.24 -3.33
N THR A 43 -24.13 8.16 -3.63
CA THR A 43 -25.17 7.65 -2.75
C THR A 43 -24.92 6.15 -2.52
N VAL A 44 -25.44 5.64 -1.40
CA VAL A 44 -25.57 4.22 -1.17
C VAL A 44 -27.05 3.88 -0.95
N GLU A 45 -27.61 2.99 -1.77
CA GLU A 45 -28.94 2.43 -1.54
C GLU A 45 -28.86 0.99 -1.12
N VAL A 46 -29.57 0.63 -0.06
CA VAL A 46 -29.58 -0.74 0.47
C VAL A 46 -31.00 -1.31 0.44
N THR A 47 -31.17 -2.46 -0.22
CA THR A 47 -32.40 -3.23 -0.16
C THR A 47 -32.12 -4.47 0.68
N VAL A 48 -32.84 -4.61 1.80
CA VAL A 48 -32.64 -5.74 2.69
C VAL A 48 -33.95 -5.91 3.47
N ASP A 49 -34.04 -7.00 4.23
CA ASP A 49 -35.20 -7.22 5.09
C ASP A 49 -35.44 -5.95 5.90
N GLN A 50 -36.69 -5.52 5.89
CA GLN A 50 -37.13 -4.25 6.48
C GLN A 50 -36.70 -4.06 7.95
N ASN A 51 -36.85 -5.12 8.76
CA ASN A 51 -36.41 -5.12 10.16
C ASN A 51 -34.87 -5.07 10.38
N LEU A 52 -34.06 -5.31 9.34
CA LEU A 52 -32.61 -5.30 9.51
C LEU A 52 -31.94 -3.97 9.17
N HIS A 53 -32.66 -3.03 8.58
CA HIS A 53 -32.08 -1.71 8.21
C HIS A 53 -31.36 -0.96 9.33
N PRO A 54 -31.94 -0.92 10.55
CA PRO A 54 -31.22 -0.33 11.68
C PRO A 54 -29.84 -0.91 12.01
N TYR A 55 -29.53 -2.12 11.54
CA TYR A 55 -28.24 -2.73 11.80
C TYR A 55 -27.27 -2.58 10.65
N VAL A 56 -27.71 -1.95 9.56
CA VAL A 56 -26.86 -1.75 8.40
C VAL A 56 -25.93 -0.58 8.65
N ASN A 57 -24.63 -0.82 8.62
CA ASN A 57 -23.64 0.21 8.90
C ASN A 57 -22.88 0.58 7.62
N ILE A 58 -23.15 1.76 7.08
CA ILE A 58 -22.51 2.27 5.88
C ILE A 58 -21.45 3.32 6.27
N GLU A 59 -20.17 3.08 5.96
CA GLU A 59 -19.11 4.04 6.28
C GLU A 59 -18.24 4.31 5.08
N VAL A 60 -17.84 5.57 4.92
CA VAL A 60 -16.67 5.96 4.10
C VAL A 60 -15.61 6.58 5.03
N LYS A 61 -14.43 5.95 5.09
CA LYS A 61 -13.30 6.40 5.91
C LYS A 61 -12.11 6.45 5.00
N ASP A 62 -11.36 7.55 5.04
N ASP A 62 -11.41 7.59 4.99
CA ASP A 62 -10.26 7.86 4.11
CA ASP A 62 -10.24 7.82 4.14
C ASP A 62 -10.52 7.31 2.70
C ASP A 62 -10.51 7.31 2.71
N ARG A 63 -11.67 7.70 2.18
CA ARG A 63 -12.11 7.34 0.82
C ARG A 63 -12.38 5.86 0.53
N VAL A 64 -12.54 5.02 1.58
CA VAL A 64 -12.92 3.62 1.42
C VAL A 64 -14.38 3.39 1.88
N LEU A 65 -15.21 2.82 1.00
CA LEU A 65 -16.56 2.38 1.41
C LEU A 65 -16.61 0.95 1.99
N THR A 66 -17.14 0.80 3.20
CA THR A 66 -17.51 -0.50 3.76
C THR A 66 -19.01 -0.49 4.15
N ILE A 67 -19.71 -1.57 3.82
CA ILE A 67 -21.09 -1.78 4.22
C ILE A 67 -21.19 -3.12 4.91
N ALA A 68 -21.60 -3.12 6.16
CA ALA A 68 -21.73 -4.37 6.90
C ALA A 68 -22.77 -4.21 7.99
N PHE A 69 -23.12 -5.33 8.64
CA PHE A 69 -24.05 -5.31 9.78
C PHE A 69 -23.37 -4.91 11.09
N LYS A 70 -24.07 -4.16 11.96
CA LYS A 70 -23.53 -3.68 13.24
C LYS A 70 -24.56 -3.61 14.39
N GLY A 71 -24.21 -4.24 15.52
CA GLY A 71 -25.07 -4.21 16.70
C GLY A 71 -26.13 -5.30 16.80
N ALA A 72 -25.83 -6.48 16.23
CA ALA A 72 -26.67 -7.67 16.34
C ALA A 72 -26.05 -8.74 15.46
N LYS A 73 -26.07 -10.00 15.90
CA LYS A 73 -25.68 -11.09 15.02
C LYS A 73 -26.92 -11.32 14.14
N VAL A 74 -26.76 -11.18 12.83
CA VAL A 74 -27.86 -11.38 11.91
C VAL A 74 -27.76 -12.84 11.47
N ASP A 75 -28.72 -13.66 11.88
CA ASP A 75 -28.69 -15.10 11.60
C ASP A 75 -29.10 -15.39 10.16
N HIS A 76 -30.06 -14.61 9.66
CA HIS A 76 -30.66 -14.85 8.37
C HIS A 76 -31.18 -13.56 7.74
N PHE A 77 -31.03 -13.45 6.43
CA PHE A 77 -31.73 -12.43 5.65
C PHE A 77 -32.08 -13.01 4.30
N THR A 78 -33.11 -12.44 3.68
CA THR A 78 -33.61 -12.87 2.39
C THR A 78 -32.64 -12.43 1.30
N LYS A 79 -32.30 -11.15 1.29
CA LYS A 79 -31.41 -10.62 0.29
C LYS A 79 -30.82 -9.35 0.86
N PHE A 80 -29.64 -8.98 0.36
CA PHE A 80 -28.93 -7.76 0.75
C PHE A 80 -28.35 -7.19 -0.55
N ILE A 81 -28.99 -6.14 -1.08
CA ILE A 81 -28.60 -5.54 -2.38
C ILE A 81 -28.09 -4.15 -2.15
N VAL A 82 -26.86 -3.85 -2.57
CA VAL A 82 -26.29 -2.51 -2.55
C VAL A 82 -26.23 -1.92 -3.97
N LYS A 83 -26.51 -0.61 -4.08
CA LYS A 83 -26.37 0.16 -5.31
C LYS A 83 -25.73 1.51 -4.97
N THR A 84 -24.53 1.75 -5.52
CA THR A 84 -23.71 2.90 -5.14
C THR A 84 -22.85 3.37 -6.31
N ASN A 85 -22.34 4.59 -6.21
CA ASN A 85 -21.51 5.19 -7.26
C ASN A 85 -20.41 6.10 -6.72
N SER A 86 -19.36 6.29 -7.52
CA SER A 86 -18.28 7.23 -7.18
C SER A 86 -17.53 7.64 -8.44
N LYS A 87 -16.63 8.62 -8.32
CA LYS A 87 -15.97 9.16 -9.51
C LYS A 87 -14.93 8.19 -10.01
N TRP A 88 -14.35 7.40 -9.09
CA TRP A 88 -13.24 6.53 -9.41
C TRP A 88 -13.31 5.21 -8.65
N LEU A 89 -12.78 4.13 -9.22
CA LEU A 89 -12.55 2.87 -8.50
C LEU A 89 -11.12 2.40 -8.70
N ALA A 90 -10.27 2.77 -7.75
CA ALA A 90 -8.87 2.35 -7.76
C ALA A 90 -8.73 0.90 -7.23
N ALA A 91 -9.59 0.50 -6.29
CA ALA A 91 -9.42 -0.81 -5.64
C ALA A 91 -10.71 -1.39 -5.16
N ALA A 92 -10.86 -2.71 -5.28
CA ALA A 92 -11.94 -3.42 -4.60
C ALA A 92 -11.43 -4.69 -3.98
N LYS A 93 -11.89 -4.97 -2.76
N LYS A 93 -11.89 -4.97 -2.76
CA LYS A 93 -11.61 -6.20 -2.02
CA LYS A 93 -11.58 -6.21 -2.07
C LYS A 93 -12.95 -6.91 -1.84
C LYS A 93 -12.94 -6.90 -1.84
N VAL A 94 -13.04 -8.14 -2.34
CA VAL A 94 -14.31 -8.86 -2.39
C VAL A 94 -14.13 -10.21 -1.74
N SER A 95 -14.85 -10.43 -0.64
N SER A 95 -14.90 -10.46 -0.69
CA SER A 95 -14.77 -11.67 0.16
CA SER A 95 -14.81 -11.70 0.09
C SER A 95 -16.16 -12.18 0.54
C SER A 95 -16.18 -12.20 0.52
N GLY A 96 -16.20 -13.28 1.30
CA GLY A 96 -17.45 -13.86 1.74
C GLY A 96 -18.05 -14.50 0.53
N ASN A 97 -19.34 -14.39 0.35
CA ASN A 97 -19.92 -14.90 -0.87
C ASN A 97 -20.44 -13.74 -1.68
N ALA A 98 -19.69 -12.65 -1.70
CA ALA A 98 -20.19 -11.40 -2.28
C ALA A 98 -20.22 -11.55 -3.79
N ASN A 99 -21.17 -10.84 -4.42
CA ASN A 99 -21.28 -10.75 -5.88
C ASN A 99 -21.09 -9.28 -6.23
N PHE A 100 -19.87 -8.96 -6.69
CA PHE A 100 -19.49 -7.59 -6.96
C PHE A 100 -19.66 -7.27 -8.45
N VAL A 102 -19.76 -4.33 -11.47
CA VAL A 102 -19.58 -2.97 -12.03
C VAL A 102 -20.44 -2.90 -13.28
N ASN A 103 -21.45 -2.04 -13.23
CA ASN A 103 -22.51 -2.01 -14.24
C ASN A 103 -22.38 -0.87 -15.22
N SER A 104 -21.31 -0.07 -15.11
CA SER A 104 -21.05 1.01 -16.03
C SER A 104 -19.70 0.74 -16.68
N PRO A 105 -19.38 1.47 -17.78
CA PRO A 105 -17.99 1.53 -18.16
C PRO A 105 -17.15 1.96 -16.98
N LEU A 106 -15.90 1.53 -16.97
CA LEU A 106 -14.93 1.96 -15.95
C LEU A 106 -13.70 2.53 -16.66
N THR A 107 -13.37 3.80 -16.37
CA THR A 107 -12.16 4.44 -16.91
C THR A 107 -11.26 4.89 -15.75
N GLY A 108 -9.95 4.94 -16.00
CA GLY A 108 -9.01 5.47 -15.02
C GLY A 108 -7.60 4.94 -15.15
N ASP A 109 -6.78 5.23 -14.16
CA ASP A 109 -5.34 4.94 -14.23
C ASP A 109 -5.09 3.46 -13.94
N GLU A 110 -5.44 3.03 -12.74
CA GLU A 110 -5.22 1.66 -12.28
C GLU A 110 -6.38 1.21 -11.45
N THR A 111 -6.80 -0.05 -11.65
CA THR A 111 -7.81 -0.69 -10.80
C THR A 111 -7.24 -2.03 -10.35
N VAL A 112 -7.21 -2.25 -9.03
CA VAL A 112 -6.76 -3.49 -8.43
C VAL A 112 -7.94 -4.18 -7.76
N ILE A 113 -8.29 -5.39 -8.20
CA ILE A 113 -9.38 -6.13 -7.57
C ILE A 113 -8.86 -7.43 -6.96
N LYS A 114 -9.24 -7.68 -5.73
CA LYS A 114 -8.88 -8.89 -5.05
C LYS A 114 -10.16 -9.60 -4.63
N ALA A 115 -10.32 -10.86 -5.06
CA ALA A 115 -11.49 -11.67 -4.70
C ALA A 115 -11.03 -12.98 -4.04
N ASN A 116 -11.65 -13.33 -2.93
CA ASN A 116 -11.41 -14.64 -2.35
C ASN A 116 -12.70 -15.29 -1.80
N ALA A 117 -12.56 -16.26 -0.91
CA ALA A 117 -13.69 -17.01 -0.35
C ALA A 117 -14.50 -17.57 -1.52
N ASN A 118 -15.78 -17.30 -1.63
CA ASN A 118 -16.44 -17.79 -2.84
C ASN A 118 -17.09 -16.67 -3.61
N SER A 119 -16.34 -15.59 -3.74
CA SER A 119 -16.87 -14.39 -4.34
C SER A 119 -16.89 -14.50 -5.85
N LEU A 120 -17.71 -13.62 -6.43
CA LEU A 120 -17.82 -13.43 -7.86
C LEU A 120 -17.56 -11.92 -8.09
N VAL A 121 -16.75 -11.60 -9.08
CA VAL A 121 -16.65 -10.23 -9.61
C VAL A 121 -17.10 -10.24 -11.09
N GLN A 122 -17.95 -9.27 -11.47
CA GLN A 122 -18.40 -9.09 -12.86
C GLN A 122 -18.19 -7.64 -13.33
N LEU A 123 -17.22 -7.42 -14.22
CA LEU A 123 -17.05 -6.10 -14.85
C LEU A 123 -17.70 -6.18 -16.19
N LYS A 124 -18.90 -5.59 -16.27
CA LYS A 124 -19.85 -5.87 -17.35
C LYS A 124 -19.69 -5.02 -18.56
N GLU A 125 -19.17 -3.80 -18.39
CA GLU A 125 -18.98 -2.86 -19.51
C GLU A 125 -17.49 -2.58 -19.69
N THR A 126 -17.16 -1.85 -20.75
CA THR A 126 -15.78 -1.65 -21.14
C THR A 126 -14.98 -1.02 -20.01
N VAL A 127 -13.86 -1.67 -19.67
CA VAL A 127 -12.88 -1.17 -18.71
C VAL A 127 -11.72 -0.59 -19.48
N THR A 128 -11.57 0.73 -19.47
CA THR A 128 -10.48 1.42 -20.18
C THR A 128 -9.50 1.98 -19.15
N VAL A 129 -8.41 1.27 -18.88
CA VAL A 129 -7.52 1.68 -17.79
C VAL A 129 -6.07 1.55 -18.22
N GLY A 130 -5.16 2.22 -17.50
CA GLY A 130 -3.76 1.98 -17.71
C GLY A 130 -3.46 0.55 -17.31
N LYS A 131 -3.81 0.20 -16.07
CA LYS A 131 -3.57 -1.13 -15.54
C LYS A 131 -4.82 -1.75 -14.88
N LEU A 132 -5.11 -2.99 -15.25
CA LEU A 132 -6.08 -3.82 -14.51
C LEU A 132 -5.30 -4.96 -13.83
N ASP A 133 -5.38 -5.03 -12.50
CA ASP A 133 -4.62 -6.01 -11.73
C ASP A 133 -5.62 -6.90 -11.00
N LEU A 134 -5.71 -8.17 -11.39
CA LEU A 134 -6.75 -9.09 -10.89
C LEU A 134 -6.11 -10.20 -10.09
N ASN A 135 -6.61 -10.47 -8.89
N ASN A 135 -6.52 -10.36 -8.83
CA ASN A 135 -5.97 -11.41 -7.97
CA ASN A 135 -6.08 -11.48 -7.99
C ASN A 135 -7.01 -12.36 -7.28
C ASN A 135 -7.32 -12.24 -7.55
N VAL A 136 -7.33 -13.55 -7.84
CA VAL A 136 -8.31 -14.47 -7.25
C VAL A 136 -7.66 -15.51 -6.39
N SER A 137 -8.29 -15.85 -5.27
CA SER A 137 -7.86 -17.02 -4.48
C SER A 137 -9.08 -17.65 -3.83
N GLY A 138 -8.89 -18.61 -2.95
CA GLY A 138 -10.05 -19.30 -2.36
C GLY A 138 -10.77 -19.88 -3.56
N SER A 139 -12.08 -19.84 -3.61
CA SER A 139 -12.68 -20.40 -4.82
C SER A 139 -13.39 -19.34 -5.70
N ALA A 140 -12.76 -18.15 -5.74
CA ALA A 140 -13.35 -16.93 -6.29
C ALA A 140 -13.31 -16.92 -7.82
N ASN A 141 -14.25 -16.21 -8.43
CA ASN A 141 -14.35 -16.12 -9.90
C ASN A 141 -14.46 -14.66 -10.31
N VAL A 143 -15.36 -12.40 -13.99
CA VAL A 143 -15.69 -12.29 -15.42
C VAL A 143 -15.58 -10.86 -15.87
N VAL A 144 -14.73 -10.60 -16.85
CA VAL A 144 -14.54 -9.25 -17.42
C VAL A 144 -14.97 -9.29 -18.88
N ASN A 145 -16.03 -8.52 -19.24
CA ASN A 145 -16.59 -8.57 -20.57
C ASN A 145 -15.70 -7.90 -21.61
N HIS A 146 -15.12 -6.74 -21.30
CA HIS A 146 -14.36 -6.02 -22.30
C HIS A 146 -13.30 -5.10 -21.66
N LEU A 147 -12.03 -5.34 -21.97
CA LEU A 147 -10.90 -4.56 -21.44
C LEU A 147 -10.15 -3.85 -22.58
N GLU A 148 -9.79 -2.59 -22.37
CA GLU A 148 -8.84 -1.89 -23.23
C GLU A 148 -7.78 -1.25 -22.32
N ALA A 149 -6.59 -1.83 -22.30
CA ALA A 149 -5.59 -1.54 -21.26
C ALA A 149 -4.19 -1.43 -21.81
N ASP A 150 -3.34 -0.75 -21.06
CA ASP A 150 -1.91 -0.77 -21.30
C ASP A 150 -1.31 -2.07 -20.74
N LYS A 151 -1.76 -2.45 -19.55
CA LYS A 151 -1.23 -3.60 -18.82
C LYS A 151 -2.33 -4.37 -18.14
N ILE A 152 -2.28 -5.69 -18.29
CA ILE A 152 -3.15 -6.66 -17.59
C ILE A 152 -2.27 -7.56 -16.72
N GLU A 153 -2.64 -7.69 -15.45
CA GLU A 153 -2.05 -8.64 -14.53
C GLU A 153 -3.14 -9.54 -13.97
N CYS A 154 -2.95 -10.85 -14.11
CA CYS A 154 -3.86 -11.88 -13.59
C CYS A 154 -3.16 -12.90 -12.73
N ASP A 155 -3.64 -13.08 -11.51
CA ASP A 155 -3.08 -14.02 -10.57
C ASP A 155 -4.12 -14.95 -10.05
N ILE A 156 -4.05 -16.23 -10.38
CA ILE A 156 -4.94 -17.23 -9.78
C ILE A 156 -4.13 -18.02 -8.79
N ASP A 157 -4.42 -17.83 -7.52
CA ASP A 157 -3.77 -18.61 -6.46
C ASP A 157 -4.76 -19.56 -5.78
N GLY A 158 -5.90 -19.84 -6.41
CA GLY A 158 -6.97 -20.70 -5.82
C GLY A 158 -7.72 -21.63 -6.80
N SER A 159 -8.85 -22.18 -6.36
CA SER A 159 -9.62 -23.13 -7.21
C SER A 159 -10.47 -22.40 -8.30
N GLY A 160 -10.29 -21.07 -8.42
CA GLY A 160 -11.19 -20.30 -9.25
C GLY A 160 -10.64 -19.91 -10.60
N SER A 161 -11.28 -18.92 -11.20
CA SER A 161 -11.23 -18.69 -12.63
C SER A 161 -11.28 -17.20 -12.89
N ILE A 162 -10.50 -16.72 -13.84
CA ILE A 162 -10.67 -15.41 -14.40
C ILE A 162 -11.02 -15.56 -15.87
N THR A 163 -12.16 -14.98 -16.30
CA THR A 163 -12.51 -14.90 -17.74
C THR A 163 -12.41 -13.46 -18.23
N ILE A 164 -11.72 -13.24 -19.35
CA ILE A 164 -11.72 -11.94 -20.02
C ILE A 164 -12.12 -12.20 -21.46
N LYS A 165 -13.30 -11.69 -21.83
CA LYS A 165 -14.02 -12.14 -23.00
C LYS A 165 -13.55 -11.47 -24.27
N LYS A 166 -13.11 -10.22 -24.17
CA LYS A 166 -12.67 -9.51 -25.34
C LYS A 166 -11.88 -8.25 -25.02
N GLY A 167 -11.18 -7.74 -26.02
CA GLY A 167 -10.46 -6.49 -25.91
C GLY A 167 -8.98 -6.56 -26.25
N ASN A 168 -8.24 -5.59 -25.73
CA ASN A 168 -6.81 -5.48 -25.97
C ASN A 168 -6.09 -5.09 -24.68
N ALA A 169 -4.89 -5.63 -24.48
CA ALA A 169 -3.94 -5.15 -23.46
C ALA A 169 -2.57 -5.12 -24.07
N LYS A 170 -1.86 -4.00 -24.01
CA LYS A 170 -0.53 -3.92 -24.64
C LYS A 170 0.50 -4.93 -24.08
N GLU A 171 0.46 -5.15 -22.78
CA GLU A 171 1.34 -6.10 -22.10
C GLU A 171 0.54 -6.90 -21.10
N GLY A 172 1.00 -8.10 -20.79
CA GLY A 172 0.29 -8.97 -19.85
C GLY A 172 1.20 -9.88 -19.08
N ASP A 173 0.89 -10.08 -17.80
N ASP A 173 0.95 -10.06 -17.78
CA ASP A 173 1.57 -11.04 -16.92
CA ASP A 173 1.59 -11.12 -16.99
C ASP A 173 0.48 -11.90 -16.28
C ASP A 173 0.49 -11.91 -16.32
N TYR A 174 0.39 -13.17 -16.70
CA TYR A 174 -0.59 -14.09 -16.13
C TYR A 174 0.13 -15.12 -15.27
N SER A 175 -0.45 -15.46 -14.14
CA SER A 175 0.14 -16.43 -13.22
C SER A 175 -0.93 -17.35 -12.64
N ILE A 176 -0.75 -18.67 -12.76
CA ILE A 176 -1.63 -19.63 -12.09
C ILE A 176 -0.77 -20.55 -11.20
N VAL A 177 -1.02 -20.46 -9.89
CA VAL A 177 -0.27 -21.23 -8.90
C VAL A 177 -1.12 -22.38 -8.35
N SER A 178 -2.42 -22.23 -8.51
CA SER A 178 -3.44 -23.16 -8.02
C SER A 178 -3.99 -24.19 -9.07
N SER A 179 -5.17 -24.77 -8.80
CA SER A 179 -5.86 -25.57 -9.83
C SER A 179 -6.68 -24.68 -10.82
N GLY A 180 -6.57 -23.37 -10.67
CA GLY A 180 -7.47 -22.47 -11.39
C GLY A 180 -7.24 -22.29 -12.88
N ASP A 181 -8.15 -21.54 -13.50
CA ASP A 181 -8.18 -21.34 -14.95
C ASP A 181 -8.20 -19.88 -15.33
N ILE A 182 -7.48 -19.53 -16.40
CA ILE A 182 -7.57 -18.22 -17.02
C ILE A 182 -8.15 -18.48 -18.39
N HIS A 183 -9.29 -17.85 -18.68
CA HIS A 183 -9.95 -17.93 -20.00
C HIS A 183 -9.86 -16.59 -20.69
N ALA A 184 -8.80 -16.39 -21.45
CA ALA A 184 -8.51 -15.09 -22.06
C ALA A 184 -8.14 -15.20 -23.54
N PHE A 185 -8.77 -16.16 -24.22
CA PHE A 185 -8.63 -16.30 -25.67
C PHE A 185 -9.01 -15.02 -26.42
N GLY A 186 -10.02 -14.30 -25.91
CA GLY A 186 -10.52 -13.08 -26.55
C GLY A 186 -9.77 -11.79 -26.24
N LEU A 187 -8.87 -11.82 -25.26
CA LEU A 187 -7.99 -10.67 -24.99
C LEU A 187 -6.67 -10.79 -25.77
N ALA A 188 -6.52 -9.91 -26.76
CA ALA A 188 -5.36 -9.83 -27.62
C ALA A 188 -4.27 -9.10 -26.88
N VAL A 189 -3.15 -9.78 -26.62
CA VAL A 189 -2.00 -9.16 -25.94
C VAL A 189 -0.75 -9.29 -26.76
N PRO A 190 -0.19 -8.17 -27.26
CA PRO A 190 1.09 -8.29 -27.99
C PRO A 190 2.28 -8.89 -27.20
N GLN A 191 2.53 -8.41 -26.00
CA GLN A 191 3.67 -8.88 -25.20
C GLN A 191 3.17 -9.61 -23.96
N LEU A 192 3.12 -10.94 -24.03
CA LEU A 192 2.46 -11.71 -22.98
C LEU A 192 3.42 -12.64 -22.29
N SER A 193 3.41 -12.66 -20.98
CA SER A 193 4.07 -13.73 -20.23
C SER A 193 3.04 -14.45 -19.36
N CYS A 194 3.17 -15.75 -19.32
CA CYS A 194 2.16 -16.61 -18.74
C CYS A 194 2.86 -17.79 -18.05
N LYS A 195 2.68 -17.91 -16.72
CA LYS A 195 3.33 -18.96 -15.90
C LYS A 195 2.26 -19.81 -15.25
N VAL A 196 2.30 -21.12 -15.49
CA VAL A 196 1.38 -22.06 -14.89
C VAL A 196 2.18 -23.07 -14.04
N THR A 197 1.95 -23.00 -12.73
CA THR A 197 2.65 -23.80 -11.74
C THR A 197 1.72 -24.81 -11.15
N GLY A 198 0.43 -24.62 -11.35
CA GLY A 198 -0.53 -25.54 -10.78
C GLY A 198 -0.71 -26.83 -11.58
N ASN A 199 -1.96 -27.29 -11.57
CA ASN A 199 -2.50 -28.07 -12.67
C ASN A 199 -3.60 -27.25 -13.39
N GLY A 200 -3.55 -25.95 -13.19
CA GLY A 200 -4.36 -25.04 -13.92
C GLY A 200 -4.20 -24.99 -15.44
N LEU A 201 -5.16 -24.33 -16.09
CA LEU A 201 -5.16 -24.09 -17.55
C LEU A 201 -5.18 -22.61 -17.83
N ALA A 202 -4.27 -22.12 -18.68
CA ALA A 202 -4.35 -20.74 -19.22
C ALA A 202 -4.62 -20.81 -20.70
N GLU A 203 -5.75 -20.24 -21.11
CA GLU A 203 -6.11 -19.99 -22.50
C GLU A 203 -5.85 -18.53 -22.83
N VAL A 204 -4.96 -18.29 -23.77
CA VAL A 204 -4.43 -16.93 -23.99
C VAL A 204 -4.37 -16.58 -25.48
N HIS A 205 -4.17 -15.30 -25.76
CA HIS A 205 -4.00 -14.81 -27.13
C HIS A 205 -2.85 -13.78 -27.15
N ALA A 206 -1.72 -14.18 -27.72
CA ALA A 206 -0.54 -13.30 -27.88
C ALA A 206 -0.43 -12.96 -29.35
N THR A 207 -0.12 -11.71 -29.68
CA THR A 207 -0.12 -11.26 -31.08
C THR A 207 1.26 -10.82 -31.55
N ASP A 208 2.28 -10.99 -30.73
CA ASP A 208 3.65 -10.67 -31.13
C ASP A 208 4.66 -11.61 -30.43
N ASN A 209 4.63 -11.66 -29.11
CA ASN A 209 5.58 -12.45 -28.34
C ASN A 209 4.95 -13.11 -27.14
N LEU A 210 5.12 -14.42 -27.01
CA LEU A 210 4.62 -15.15 -25.83
C LEU A 210 5.77 -15.80 -25.08
N LYS A 211 5.83 -15.53 -23.78
CA LYS A 211 6.79 -16.18 -22.89
C LYS A 211 6.00 -17.18 -21.99
N ALA A 212 6.08 -18.47 -22.27
CA ALA A 212 5.27 -19.51 -21.63
C ALA A 212 6.08 -20.43 -20.68
N ASN A 213 5.64 -20.56 -19.44
CA ASN A 213 6.33 -21.34 -18.41
C ASN A 213 5.38 -22.31 -17.75
N VAL A 214 5.70 -23.59 -17.80
CA VAL A 214 4.90 -24.58 -17.10
C VAL A 214 5.82 -25.36 -16.18
N VAL A 215 5.44 -25.49 -14.92
CA VAL A 215 6.12 -26.37 -13.96
C VAL A 215 5.07 -27.31 -13.44
N GLY A 216 5.14 -28.58 -13.85
CA GLY A 216 4.20 -29.59 -13.44
C GLY A 216 3.23 -30.01 -14.55
N LYS A 217 1.99 -30.33 -14.16
CA LYS A 217 0.97 -30.86 -15.08
C LYS A 217 0.06 -29.76 -15.71
N GLY A 218 0.29 -28.50 -15.36
CA GLY A 218 -0.49 -27.42 -15.93
C GLY A 218 -0.43 -27.37 -17.45
N ASN A 219 -1.33 -26.59 -18.05
CA ASN A 219 -1.40 -26.45 -19.52
C ASN A 219 -1.64 -25.01 -19.97
N ILE A 220 -1.02 -24.62 -21.09
CA ILE A 220 -1.23 -23.34 -21.73
C ILE A 220 -1.70 -23.58 -23.18
N ARG A 221 -2.82 -22.99 -23.56
CA ARG A 221 -3.27 -23.02 -24.93
C ARG A 221 -3.27 -21.59 -25.45
N TYR A 222 -2.67 -21.34 -26.61
CA TYR A 222 -2.62 -19.98 -27.12
C TYR A 222 -3.09 -19.89 -28.55
N LYS A 223 -3.77 -18.78 -28.84
CA LYS A 223 -4.08 -18.37 -30.21
C LYS A 223 -2.98 -17.40 -30.63
N GLY A 224 -2.57 -17.50 -31.89
CA GLY A 224 -1.51 -16.66 -32.43
C GLY A 224 -2.09 -15.45 -33.12
N PRO A 225 -1.35 -14.86 -34.08
CA PRO A 225 0.01 -15.26 -34.51
C PRO A 225 1.06 -14.66 -33.59
N THR A 226 1.98 -15.51 -33.09
CA THR A 226 2.97 -15.08 -32.10
C THR A 226 4.29 -15.87 -32.17
N ALA A 227 5.38 -15.21 -31.79
CA ALA A 227 6.65 -15.88 -31.51
C ALA A 227 6.57 -16.40 -30.08
N VAL A 228 7.09 -17.59 -29.83
CA VAL A 228 7.02 -18.21 -28.49
C VAL A 228 8.38 -18.62 -27.90
N GLN A 229 8.61 -18.17 -26.67
CA GLN A 229 9.65 -18.64 -25.77
C GLN A 229 8.97 -19.58 -24.78
N GLN A 230 9.29 -20.86 -24.80
CA GLN A 230 8.56 -21.79 -23.95
C GLN A 230 9.49 -22.68 -23.15
N ARG A 231 9.14 -22.91 -21.88
CA ARG A 231 9.92 -23.73 -20.94
C ARG A 231 8.98 -24.63 -20.11
N ILE A 232 9.10 -25.95 -20.26
CA ILE A 232 8.25 -26.89 -19.54
C ILE A 232 9.10 -27.81 -18.64
N ILE A 233 8.85 -27.76 -17.34
CA ILE A 233 9.45 -28.69 -16.40
C ILE A 233 8.38 -29.66 -15.97
N GLY A 234 8.39 -30.86 -16.54
CA GLY A 234 7.46 -31.93 -16.19
C GLY A 234 6.54 -32.32 -17.32
N LYS A 235 5.35 -32.82 -17.01
CA LYS A 235 4.52 -33.44 -18.06
C LYS A 235 3.45 -32.50 -18.65
N GLY A 236 3.36 -31.28 -18.16
CA GLY A 236 2.44 -30.31 -18.74
C GLY A 236 2.71 -29.91 -20.20
N THR A 237 1.85 -29.08 -20.76
CA THR A 237 1.95 -28.75 -22.18
C THR A 237 1.70 -27.28 -22.48
N VAL A 238 2.28 -26.83 -23.59
CA VAL A 238 2.05 -25.49 -24.15
C VAL A 238 1.76 -25.68 -25.64
N GLU A 239 0.52 -25.50 -26.07
CA GLU A 239 0.13 -25.83 -27.45
C GLU A 239 -0.70 -24.76 -28.12
N GLU A 240 -0.43 -24.53 -29.40
CA GLU A 240 -1.18 -23.56 -30.19
C GLU A 240 -2.55 -24.08 -30.61
N VAL A 241 -3.56 -23.23 -30.51
CA VAL A 241 -4.94 -23.60 -30.87
C VAL A 241 -5.34 -22.95 -32.22
N LYS A 242 -6.20 -23.64 -32.97
CA LYS A 242 -7.11 -23.10 -34.06
C LYS A 242 -7.00 -23.86 -35.38
N ASP B 4 35.26 6.51 -15.13
CA ASP B 4 35.44 7.61 -16.14
C ASP B 4 34.61 8.85 -15.79
N HIS B 5 35.24 10.01 -15.95
CA HIS B 5 34.61 11.30 -15.66
C HIS B 5 34.39 12.06 -16.96
N VAL B 6 33.25 12.75 -17.05
CA VAL B 6 32.96 13.62 -18.19
C VAL B 6 32.46 15.02 -17.76
N LYS B 7 32.79 16.01 -18.58
CA LYS B 7 32.37 17.40 -18.39
C LYS B 7 31.42 17.77 -19.56
N GLY B 8 30.36 18.53 -19.28
CA GLY B 8 29.50 19.03 -20.36
C GLY B 8 30.28 20.03 -21.22
N ASP B 9 30.10 19.96 -22.54
CA ASP B 9 30.81 20.83 -23.48
C ASP B 9 30.19 22.23 -23.66
N GLY B 10 29.07 22.50 -22.98
CA GLY B 10 28.47 23.83 -22.95
C GLY B 10 27.41 24.13 -24.01
N LYS B 11 27.33 23.27 -25.02
CA LYS B 11 26.43 23.48 -26.16
C LYS B 11 25.22 22.58 -25.97
N LEU B 12 24.10 23.20 -25.59
CA LEU B 12 22.85 22.50 -25.32
C LEU B 12 22.19 22.06 -26.61
N THR B 13 21.82 20.79 -26.67
CA THR B 13 21.02 20.26 -27.78
C THR B 13 19.86 19.44 -27.23
N SER B 14 18.82 19.28 -28.05
N SER B 14 18.83 19.25 -28.06
CA SER B 14 17.60 18.54 -27.67
CA SER B 14 17.61 18.55 -27.66
C SER B 14 17.55 17.20 -28.39
C SER B 14 17.50 17.22 -28.40
N LYS B 15 17.13 16.16 -27.69
CA LYS B 15 16.84 14.84 -28.31
C LYS B 15 15.54 14.33 -27.71
N LYS B 16 14.71 13.68 -28.53
CA LYS B 16 13.38 13.23 -28.12
C LYS B 16 13.13 11.75 -28.47
N ILE B 17 12.47 11.03 -27.57
CA ILE B 17 12.07 9.63 -27.83
C ILE B 17 10.67 9.31 -27.30
N SER B 18 10.13 8.17 -27.73
CA SER B 18 8.87 7.62 -27.26
C SER B 18 9.10 6.71 -26.07
N VAL B 19 8.19 6.75 -25.11
CA VAL B 19 8.26 5.87 -23.96
C VAL B 19 6.93 5.19 -23.67
N ALA B 20 6.97 4.11 -22.92
CA ALA B 20 5.74 3.46 -22.44
C ALA B 20 5.02 4.45 -21.57
N ASP B 21 3.70 4.32 -21.44
CA ASP B 21 2.95 5.21 -20.54
C ASP B 21 3.36 4.91 -19.09
N TYR B 22 3.33 5.93 -18.25
CA TYR B 22 3.77 5.85 -16.87
C TYR B 22 2.83 6.70 -16.03
N ASN B 23 2.68 6.38 -14.76
CA ASN B 23 1.84 7.20 -13.85
C ASN B 23 2.61 7.69 -12.63
N GLU B 24 3.92 7.46 -12.66
CA GLU B 24 4.78 7.75 -11.54
C GLU B 24 6.16 8.23 -12.04
N ILE B 25 6.72 9.20 -11.33
CA ILE B 25 8.00 9.81 -11.71
C ILE B 25 8.97 9.82 -10.50
N LYS B 26 10.23 9.48 -10.75
CA LYS B 26 11.31 9.65 -9.77
C LYS B 26 12.37 10.54 -10.38
N VAL B 27 12.58 11.72 -9.79
CA VAL B 27 13.57 12.68 -10.30
C VAL B 27 14.56 13.09 -9.22
N ASP B 28 15.84 13.00 -9.56
CA ASP B 28 16.94 13.30 -8.66
C ASP B 28 17.96 14.16 -9.45
N GLY B 29 18.83 14.88 -8.75
CA GLY B 29 19.84 15.72 -9.40
C GLY B 29 19.33 17.09 -9.79
N VAL B 30 20.19 17.88 -10.41
CA VAL B 30 19.87 19.27 -10.77
C VAL B 30 19.25 19.29 -12.17
N ILE B 31 17.95 19.01 -12.22
CA ILE B 31 17.20 18.80 -13.46
C ILE B 31 15.96 19.68 -13.45
N ASP B 32 15.72 20.43 -14.52
CA ASP B 32 14.43 21.10 -14.73
C ASP B 32 13.45 20.13 -15.42
N PHE B 33 12.44 19.65 -14.69
CA PHE B 33 11.61 18.53 -15.12
C PHE B 33 10.18 18.97 -15.38
N ASN B 34 9.81 19.06 -16.66
CA ASN B 34 8.52 19.58 -17.07
C ASN B 34 7.55 18.46 -17.43
N TYR B 35 6.42 18.39 -16.73
CA TYR B 35 5.45 17.34 -16.94
C TYR B 35 4.12 17.96 -17.36
N GLU B 36 3.44 17.28 -18.28
CA GLU B 36 2.04 17.59 -18.62
C GLU B 36 1.19 16.33 -18.65
N GLN B 37 -0.07 16.47 -18.26
CA GLN B 37 -1.05 15.40 -18.39
C GLN B 37 -1.72 15.48 -19.75
N SER B 38 -1.58 14.44 -20.56
CA SER B 38 -2.26 14.38 -21.84
C SER B 38 -2.46 12.95 -22.30
N ASP B 39 -3.40 12.79 -23.23
CA ASP B 39 -3.63 11.53 -23.94
C ASP B 39 -2.71 11.29 -25.10
N ASP B 40 -1.88 12.27 -25.46
CA ASP B 40 -0.93 12.08 -26.56
C ASP B 40 0.06 10.99 -26.18
N PRO B 41 0.55 10.25 -27.19
CA PRO B 41 1.56 9.22 -26.89
C PRO B 41 2.72 9.80 -26.10
N SER B 42 3.13 9.12 -25.03
CA SER B 42 4.17 9.61 -24.11
C SER B 42 5.53 9.69 -24.80
N THR B 43 6.15 10.86 -24.67
CA THR B 43 7.49 11.08 -25.14
C THR B 43 8.32 11.64 -23.97
N VAL B 44 9.64 11.52 -24.09
CA VAL B 44 10.58 12.24 -23.22
C VAL B 44 11.53 13.01 -24.12
N GLU B 45 11.61 14.33 -23.95
CA GLU B 45 12.63 15.14 -24.63
C GLU B 45 13.64 15.63 -23.59
N VAL B 46 14.93 15.48 -23.90
CA VAL B 46 16.00 15.90 -23.01
C VAL B 46 16.87 16.94 -23.71
N THR B 47 17.02 18.10 -23.08
CA THR B 47 18.00 19.10 -23.51
C THR B 47 19.13 19.14 -22.49
N VAL B 48 20.33 18.87 -22.99
CA VAL B 48 21.54 18.81 -22.16
C VAL B 48 22.76 19.06 -23.05
N ASP B 49 23.93 19.25 -22.44
CA ASP B 49 25.17 19.45 -23.21
C ASP B 49 25.26 18.30 -24.21
N GLN B 50 25.54 18.66 -25.47
CA GLN B 50 25.39 17.72 -26.57
C GLN B 50 26.26 16.46 -26.41
N ASN B 51 27.47 16.62 -25.86
CA ASN B 51 28.35 15.46 -25.57
C ASN B 51 27.84 14.52 -24.44
N LEU B 52 26.83 14.94 -23.67
CA LEU B 52 26.35 14.13 -22.53
C LEU B 52 25.13 13.26 -22.86
N HIS B 53 24.55 13.43 -24.05
CA HIS B 53 23.36 12.63 -24.44
C HIS B 53 23.55 11.11 -24.38
N PRO B 54 24.68 10.59 -24.89
CA PRO B 54 24.91 9.14 -24.79
C PRO B 54 24.86 8.57 -23.37
N TYR B 55 25.02 9.40 -22.34
CA TYR B 55 24.97 8.94 -20.95
C TYR B 55 23.61 9.14 -20.31
N VAL B 56 22.67 9.73 -21.03
CA VAL B 56 21.31 9.92 -20.50
C VAL B 56 20.53 8.60 -20.57
N ASN B 57 20.09 8.13 -19.42
CA ASN B 57 19.35 6.87 -19.32
C ASN B 57 17.88 7.13 -18.98
N ILE B 58 17.01 6.93 -19.96
CA ILE B 58 15.56 7.09 -19.75
C ILE B 58 14.93 5.71 -19.67
N GLU B 59 14.28 5.42 -18.55
CA GLU B 59 13.63 4.13 -18.36
C GLU B 59 12.21 4.26 -17.81
N VAL B 60 11.29 3.48 -18.36
CA VAL B 60 9.96 3.25 -17.76
C VAL B 60 9.88 1.77 -17.36
N LYS B 61 9.72 1.52 -16.06
CA LYS B 61 9.68 0.16 -15.52
C LYS B 61 8.50 0.10 -14.55
N ASP B 62 7.59 -0.84 -14.78
CA ASP B 62 6.33 -0.95 -14.03
C ASP B 62 5.61 0.40 -13.94
N ARG B 63 5.52 1.10 -15.08
N ARG B 63 5.52 1.08 -15.09
CA ARG B 63 4.82 2.39 -15.17
CA ARG B 63 4.85 2.39 -15.20
C ARG B 63 5.43 3.51 -14.32
C ARG B 63 5.43 3.50 -14.31
N VAL B 64 6.72 3.37 -13.95
CA VAL B 64 7.49 4.46 -13.31
C VAL B 64 8.54 4.98 -14.28
N LEU B 65 8.58 6.30 -14.50
CA LEU B 65 9.64 6.96 -15.30
C LEU B 65 10.82 7.45 -14.40
N THR B 66 12.03 7.03 -14.76
CA THR B 66 13.26 7.56 -14.17
C THR B 66 14.22 8.04 -15.28
N ILE B 67 14.79 9.22 -15.09
CA ILE B 67 15.77 9.77 -16.02
C ILE B 67 17.01 10.13 -15.21
N ALA B 68 18.15 9.51 -15.52
CA ALA B 68 19.42 9.85 -14.86
C ALA B 68 20.60 9.55 -15.76
N PHE B 69 21.80 9.90 -15.30
CA PHE B 69 23.03 9.62 -16.04
C PHE B 69 23.53 8.19 -15.75
N LYS B 70 24.08 7.52 -16.76
N LYS B 70 24.10 7.52 -16.75
CA LYS B 70 24.64 6.18 -16.59
CA LYS B 70 24.62 6.16 -16.59
C LYS B 70 25.84 5.94 -17.51
C LYS B 70 25.81 5.89 -17.52
N GLY B 71 26.87 5.28 -16.98
CA GLY B 71 28.06 4.92 -17.76
C GLY B 71 29.17 5.97 -17.80
N ALA B 72 29.18 6.86 -16.81
CA ALA B 72 30.21 7.89 -16.64
C ALA B 72 29.82 8.75 -15.44
N LYS B 73 30.82 9.19 -14.67
CA LYS B 73 30.57 10.20 -13.64
C LYS B 73 30.57 11.54 -14.37
N VAL B 74 29.43 12.25 -14.34
CA VAL B 74 29.32 13.54 -15.00
C VAL B 74 29.68 14.61 -13.97
N ASP B 75 30.82 15.25 -14.18
CA ASP B 75 31.32 16.21 -13.20
C ASP B 75 30.62 17.57 -13.31
N HIS B 76 30.23 17.93 -14.52
CA HIS B 76 29.66 19.26 -14.76
C HIS B 76 28.76 19.23 -16.00
N PHE B 77 27.65 19.96 -15.92
CA PHE B 77 26.81 20.23 -17.08
C PHE B 77 26.21 21.63 -16.99
N THR B 78 25.86 22.19 -18.14
CA THR B 78 25.26 23.53 -18.24
C THR B 78 23.81 23.55 -17.76
N LYS B 79 23.03 22.64 -18.33
CA LYS B 79 21.61 22.54 -18.03
C LYS B 79 21.13 21.14 -18.38
N PHE B 80 20.10 20.69 -17.67
CA PHE B 80 19.48 19.37 -17.89
C PHE B 80 17.98 19.59 -17.81
N ILE B 81 17.32 19.62 -18.96
CA ILE B 81 15.90 19.97 -19.09
C ILE B 81 15.11 18.76 -19.61
N VAL B 82 14.10 18.31 -18.87
CA VAL B 82 13.22 17.24 -19.31
C VAL B 82 11.82 17.80 -19.67
N LYS B 83 11.24 17.27 -20.73
CA LYS B 83 9.87 17.55 -21.15
C LYS B 83 9.16 16.23 -21.47
N THR B 84 8.12 15.92 -20.71
CA THR B 84 7.47 14.63 -20.85
C THR B 84 5.98 14.69 -20.50
N ASN B 85 5.21 13.72 -20.97
CA ASN B 85 3.76 13.64 -20.71
C ASN B 85 3.26 12.22 -20.50
N SER B 86 2.14 12.10 -19.80
CA SER B 86 1.47 10.82 -19.63
C SER B 86 -0.01 11.05 -19.30
N LYS B 87 -0.81 9.98 -19.26
CA LYS B 87 -2.26 10.13 -19.07
C LYS B 87 -2.58 10.46 -17.63
N TRP B 88 -1.77 9.99 -16.69
CA TRP B 88 -2.07 10.14 -15.26
C TRP B 88 -0.82 10.32 -14.43
N LEU B 89 -0.90 11.13 -13.39
CA LEU B 89 0.20 11.25 -12.42
C LEU B 89 -0.34 10.87 -11.03
N ALA B 90 -0.05 9.62 -10.62
CA ALA B 90 -0.43 9.12 -9.31
C ALA B 90 0.60 9.55 -8.27
N ALA B 91 1.87 9.56 -8.64
CA ALA B 91 2.93 9.82 -7.65
C ALA B 91 4.18 10.47 -8.27
N ALA B 92 4.81 11.35 -7.51
CA ALA B 92 6.12 11.89 -7.88
C ALA B 92 7.07 11.91 -6.67
N LYS B 93 8.34 11.55 -6.91
CA LYS B 93 9.40 11.56 -5.88
C LYS B 93 10.52 12.50 -6.35
N VAL B 94 10.77 13.55 -5.58
CA VAL B 94 11.55 14.66 -6.08
C VAL B 94 12.73 14.90 -5.13
N SER B 95 13.94 14.55 -5.56
CA SER B 95 15.16 14.68 -4.72
C SER B 95 16.24 15.51 -5.40
N GLY B 96 17.39 15.60 -4.72
CA GLY B 96 18.54 16.32 -5.22
C GLY B 96 18.25 17.81 -5.25
N ASN B 97 18.60 18.45 -6.35
CA ASN B 97 18.19 19.83 -6.48
C ASN B 97 17.21 19.98 -7.64
N ALA B 98 16.32 18.98 -7.79
CA ALA B 98 15.44 18.92 -8.94
C ALA B 98 14.36 20.00 -8.81
N ASN B 99 13.94 20.52 -9.96
CA ASN B 99 12.83 21.48 -10.06
C ASN B 99 11.73 20.82 -10.88
N PHE B 100 10.70 20.33 -10.19
CA PHE B 100 9.66 19.51 -10.81
C PHE B 100 8.42 20.35 -11.04
N VAL B 102 4.69 20.85 -13.02
CA VAL B 102 3.52 20.38 -13.77
C VAL B 102 2.93 21.58 -14.45
N ASN B 103 2.96 21.56 -15.77
CA ASN B 103 2.60 22.75 -16.57
C ASN B 103 1.22 22.69 -17.16
N SER B 104 0.47 21.63 -16.89
CA SER B 104 -0.92 21.50 -17.37
C SER B 104 -1.83 21.42 -16.17
N PRO B 105 -3.14 21.53 -16.40
CA PRO B 105 -4.02 21.09 -15.33
C PRO B 105 -3.71 19.62 -15.02
N LEU B 106 -4.00 19.19 -13.81
CA LEU B 106 -3.83 17.80 -13.41
C LEU B 106 -5.16 17.34 -12.83
N THR B 107 -5.73 16.28 -13.40
CA THR B 107 -6.99 15.69 -12.92
C THR B 107 -6.84 14.19 -12.65
N GLY B 108 -7.53 13.69 -11.63
CA GLY B 108 -7.50 12.27 -11.31
C GLY B 108 -7.94 11.97 -9.91
N ASP B 109 -7.66 10.76 -9.47
CA ASP B 109 -8.15 10.24 -8.20
C ASP B 109 -7.28 10.76 -7.04
N GLU B 110 -6.01 10.36 -7.02
CA GLU B 110 -5.09 10.69 -5.97
C GLU B 110 -3.72 10.98 -6.57
N THR B 111 -3.05 12.01 -6.07
CA THR B 111 -1.66 12.30 -6.41
C THR B 111 -0.88 12.46 -5.11
N VAL B 112 0.22 11.71 -4.99
CA VAL B 112 1.13 11.81 -3.86
C VAL B 112 2.43 12.36 -4.35
N ILE B 113 2.90 13.46 -3.76
CA ILE B 113 4.20 14.05 -4.11
C ILE B 113 5.09 14.12 -2.87
N LYS B 114 6.32 13.62 -2.99
CA LYS B 114 7.32 13.69 -1.91
C LYS B 114 8.52 14.48 -2.45
N ALA B 115 8.91 15.53 -1.72
CA ALA B 115 10.06 16.33 -2.08
C ALA B 115 11.05 16.41 -0.94
N ASN B 116 12.33 16.14 -1.19
CA ASN B 116 13.34 16.30 -0.15
C ASN B 116 14.61 16.99 -0.69
N ALA B 117 15.71 16.87 0.04
CA ALA B 117 16.99 17.47 -0.33
C ALA B 117 16.72 18.97 -0.53
N ASN B 118 17.04 19.54 -1.68
CA ASN B 118 16.72 20.95 -1.88
C ASN B 118 15.89 21.13 -3.12
N SER B 119 14.91 20.26 -3.30
CA SER B 119 14.06 20.27 -4.47
C SER B 119 12.96 21.33 -4.41
N LEU B 120 12.36 21.60 -5.55
CA LEU B 120 11.23 22.51 -5.68
C LEU B 120 10.17 21.74 -6.47
N VAL B 121 8.92 21.80 -6.03
CA VAL B 121 7.77 21.32 -6.83
C VAL B 121 6.89 22.52 -7.11
N GLN B 122 6.40 22.61 -8.36
CA GLN B 122 5.51 23.68 -8.80
C GLN B 122 4.36 23.11 -9.61
N LEU B 123 3.19 23.08 -8.99
CA LEU B 123 1.97 22.67 -9.66
C LEU B 123 1.26 23.94 -10.12
N LYS B 124 1.43 24.26 -11.40
CA LYS B 124 1.14 25.60 -11.90
C LYS B 124 -0.30 25.82 -12.32
N GLU B 125 -1.00 24.78 -12.73
CA GLU B 125 -2.41 24.90 -13.16
C GLU B 125 -3.30 24.13 -12.21
N THR B 126 -4.60 24.26 -12.41
CA THR B 126 -5.58 23.66 -11.51
C THR B 126 -5.40 22.16 -11.36
N VAL B 127 -5.25 21.76 -10.11
CA VAL B 127 -5.20 20.36 -9.73
C VAL B 127 -6.58 19.99 -9.21
N THR B 128 -7.30 19.16 -9.97
CA THR B 128 -8.63 18.68 -9.59
C THR B 128 -8.55 17.18 -9.26
N VAL B 129 -8.49 16.84 -7.97
CA VAL B 129 -8.26 15.45 -7.54
C VAL B 129 -9.08 15.06 -6.32
N GLY B 130 -9.27 13.76 -6.11
CA GLY B 130 -9.89 13.29 -4.90
C GLY B 130 -9.01 13.61 -3.72
N LYS B 131 -7.73 13.24 -3.81
CA LYS B 131 -6.76 13.52 -2.74
C LYS B 131 -5.45 14.03 -3.31
N LEU B 132 -4.96 15.14 -2.76
CA LEU B 132 -3.57 15.57 -2.93
C LEU B 132 -2.88 15.36 -1.61
N ASP B 133 -1.79 14.60 -1.62
CA ASP B 133 -1.03 14.27 -0.44
C ASP B 133 0.37 14.80 -0.69
N LEU B 134 0.78 15.80 0.09
CA LEU B 134 2.05 16.52 -0.14
C LEU B 134 3.00 16.34 1.00
N ASN B 135 4.25 16.02 0.70
CA ASN B 135 5.22 15.83 1.75
C ASN B 135 6.58 16.43 1.45
N VAL B 136 7.00 17.37 2.29
CA VAL B 136 8.33 17.98 2.17
C VAL B 136 9.22 17.67 3.38
N SER B 137 10.47 17.34 3.08
CA SER B 137 11.49 17.23 4.12
C SER B 137 12.80 17.80 3.58
N GLY B 138 13.89 17.65 4.34
CA GLY B 138 15.15 18.27 3.96
C GLY B 138 14.83 19.75 3.84
N SER B 139 15.33 20.43 2.82
CA SER B 139 15.02 21.84 2.70
C SER B 139 14.11 22.14 1.51
N ALA B 140 13.22 21.20 1.16
CA ALA B 140 12.44 21.27 -0.09
C ALA B 140 11.27 22.25 0.02
N ASN B 141 10.79 22.72 -1.14
CA ASN B 141 9.64 23.65 -1.22
C ASN B 141 8.65 23.17 -2.25
N VAL B 143 5.06 24.74 -4.33
CA VAL B 143 4.13 25.82 -4.61
C VAL B 143 2.98 25.24 -5.45
N VAL B 144 1.76 25.34 -4.94
CA VAL B 144 0.57 24.90 -5.67
C VAL B 144 -0.32 26.12 -5.97
N ASN B 145 -0.54 26.41 -7.25
CA ASN B 145 -1.34 27.56 -7.62
C ASN B 145 -2.83 27.39 -7.34
N HIS B 146 -3.40 26.24 -7.68
CA HIS B 146 -4.86 26.12 -7.59
C HIS B 146 -5.31 24.68 -7.40
N LEU B 147 -5.93 24.39 -6.26
CA LEU B 147 -6.37 23.06 -5.91
C LEU B 147 -7.87 23.02 -5.80
N GLU B 148 -8.50 21.98 -6.36
CA GLU B 148 -9.89 21.66 -6.09
C GLU B 148 -9.93 20.17 -5.71
N ALA B 149 -10.16 19.86 -4.45
CA ALA B 149 -9.97 18.51 -3.95
C ALA B 149 -11.01 18.11 -2.93
N ASP B 150 -11.19 16.82 -2.73
CA ASP B 150 -11.97 16.31 -1.61
C ASP B 150 -11.14 16.29 -0.33
N LYS B 151 -9.85 15.97 -0.47
CA LYS B 151 -8.95 15.86 0.67
C LYS B 151 -7.59 16.45 0.32
N ILE B 152 -7.04 17.24 1.24
CA ILE B 152 -5.66 17.72 1.17
C ILE B 152 -4.93 17.21 2.41
N GLU B 153 -3.74 16.64 2.19
CA GLU B 153 -2.82 16.27 3.24
C GLU B 153 -1.50 16.97 3.01
N CYS B 154 -1.01 17.67 4.03
CA CYS B 154 0.27 18.39 4.01
C CYS B 154 1.16 18.07 5.17
N ASP B 155 2.35 17.57 4.89
CA ASP B 155 3.29 17.22 5.95
C ASP B 155 4.60 17.91 5.70
N ILE B 156 5.01 18.78 6.63
CA ILE B 156 6.33 19.39 6.60
C ILE B 156 7.16 18.76 7.71
N ASP B 157 8.14 17.95 7.31
CA ASP B 157 9.07 17.33 8.24
C ASP B 157 10.50 17.92 8.07
N GLY B 158 10.60 19.10 7.44
CA GLY B 158 11.90 19.74 7.16
C GLY B 158 11.92 21.27 7.23
N SER B 159 13.02 21.88 6.77
CA SER B 159 13.20 23.34 6.88
C SER B 159 12.42 24.10 5.80
N GLY B 160 11.63 23.37 5.01
CA GLY B 160 10.99 23.93 3.82
C GLY B 160 9.56 24.34 4.05
N SER B 161 8.85 24.58 2.94
CA SER B 161 7.57 25.27 2.99
C SER B 161 6.65 24.73 1.88
N ILE B 162 5.36 24.62 2.18
CA ILE B 162 4.33 24.31 1.20
C ILE B 162 3.43 25.53 1.09
N THR B 163 3.28 26.04 -0.13
CA THR B 163 2.35 27.13 -0.43
C THR B 163 1.19 26.65 -1.31
N ILE B 164 -0.06 26.88 -0.89
CA ILE B 164 -1.24 26.60 -1.74
C ILE B 164 -2.03 27.89 -1.85
N LYS B 165 -2.06 28.44 -3.06
CA LYS B 165 -2.42 29.84 -3.30
C LYS B 165 -3.92 30.10 -3.31
N LYS B 166 -4.67 29.18 -3.89
CA LYS B 166 -6.09 29.37 -4.18
C LYS B 166 -6.81 28.01 -4.27
N GLY B 167 -8.11 28.02 -4.00
CA GLY B 167 -8.97 26.87 -4.27
C GLY B 167 -9.70 26.35 -3.06
N ASN B 168 -10.12 25.09 -3.13
CA ASN B 168 -10.97 24.46 -2.12
C ASN B 168 -10.57 23.03 -1.90
N ALA B 169 -10.61 22.57 -0.64
CA ALA B 169 -10.54 21.13 -0.31
C ALA B 169 -11.57 20.87 0.78
N LYS B 170 -12.39 19.83 0.62
CA LYS B 170 -13.46 19.54 1.61
C LYS B 170 -12.96 19.17 3.01
N GLU B 171 -11.84 18.46 3.07
CA GLU B 171 -11.21 18.06 4.33
C GLU B 171 -9.71 18.27 4.22
N GLY B 172 -9.05 18.51 5.35
CA GLY B 172 -7.62 18.76 5.35
C GLY B 172 -6.94 18.30 6.61
N ASP B 173 -5.72 17.79 6.46
CA ASP B 173 -4.87 17.37 7.57
C ASP B 173 -3.54 18.02 7.33
N TYR B 174 -3.17 18.99 8.15
CA TYR B 174 -1.87 19.66 8.04
C TYR B 174 -0.97 19.28 9.22
N SER B 175 0.30 19.01 8.95
CA SER B 175 1.25 18.63 10.00
C SER B 175 2.61 19.30 9.78
N ILE B 176 3.08 20.04 10.77
CA ILE B 176 4.44 20.60 10.77
C ILE B 176 5.22 20.06 11.96
N VAL B 177 6.25 19.27 11.67
CA VAL B 177 7.08 18.65 12.71
C VAL B 177 8.45 19.34 12.82
N SER B 178 8.82 20.05 11.75
CA SER B 178 10.14 20.73 11.66
C SER B 178 10.04 22.27 11.89
N SER B 179 11.00 23.02 11.33
CA SER B 179 10.97 24.49 11.35
C SER B 179 10.15 25.09 10.20
N GLY B 180 9.52 24.24 9.40
CA GLY B 180 8.91 24.66 8.14
C GLY B 180 7.60 25.42 8.24
N ASP B 181 7.12 25.90 7.09
CA ASP B 181 5.92 26.74 7.00
C ASP B 181 4.87 26.16 6.04
N ILE B 182 3.59 26.27 6.40
CA ILE B 182 2.49 26.04 5.44
C ILE B 182 1.85 27.39 5.20
N HIS B 183 1.78 27.79 3.93
CA HIS B 183 1.16 29.03 3.53
C HIS B 183 -0.11 28.68 2.75
N ALA B 184 -1.22 28.55 3.44
CA ALA B 184 -2.46 28.08 2.81
C ALA B 184 -3.67 28.91 3.19
N PHE B 185 -3.46 30.21 3.38
CA PHE B 185 -4.54 31.17 3.63
C PHE B 185 -5.59 31.16 2.52
N GLY B 186 -5.13 30.92 1.29
CA GLY B 186 -6.02 30.94 0.13
C GLY B 186 -6.81 29.68 -0.15
N LEU B 187 -6.42 28.56 0.47
CA LEU B 187 -7.18 27.30 0.33
C LEU B 187 -8.26 27.13 1.42
N ALA B 188 -9.52 27.26 1.00
CA ALA B 188 -10.67 27.20 1.88
C ALA B 188 -10.99 25.74 2.20
N VAL B 189 -10.89 25.38 3.48
CA VAL B 189 -11.12 24.00 3.94
C VAL B 189 -12.19 23.96 5.05
N PRO B 190 -13.41 23.46 4.74
CA PRO B 190 -14.46 23.31 5.75
C PRO B 190 -14.10 22.51 7.01
N GLN B 191 -13.50 21.33 6.85
CA GLN B 191 -13.11 20.51 7.99
C GLN B 191 -11.59 20.33 8.03
N LEU B 192 -10.92 21.13 8.85
CA LEU B 192 -9.46 21.18 8.85
C LEU B 192 -8.91 20.81 10.23
N SER B 193 -7.89 19.95 10.22
CA SER B 193 -7.08 19.75 11.41
C SER B 193 -5.63 20.06 11.07
N CYS B 194 -4.97 20.68 12.04
CA CYS B 194 -3.67 21.28 11.84
C CYS B 194 -2.85 21.06 13.12
N LYS B 195 -1.73 20.36 13.03
CA LYS B 195 -0.86 20.13 14.20
C LYS B 195 0.52 20.67 13.94
N VAL B 196 0.98 21.57 14.81
CA VAL B 196 2.33 22.15 14.71
C VAL B 196 3.17 21.76 15.94
N THR B 197 4.18 20.92 15.69
CA THR B 197 5.08 20.37 16.70
C THR B 197 6.43 21.07 16.68
N GLY B 198 6.76 21.72 15.57
CA GLY B 198 8.07 22.34 15.45
C GLY B 198 8.08 23.71 16.09
N ASN B 199 8.87 24.60 15.49
CA ASN B 199 8.68 26.04 15.68
C ASN B 199 8.19 26.65 14.35
N GLY B 200 7.68 25.78 13.48
CA GLY B 200 7.05 26.20 12.24
C GLY B 200 5.80 27.05 12.40
N LEU B 201 5.34 27.60 11.26
CA LEU B 201 4.11 28.40 11.19
C LEU B 201 3.16 27.77 10.19
N ALA B 202 1.89 27.63 10.57
CA ALA B 202 0.82 27.21 9.65
C ALA B 202 -0.20 28.35 9.48
N GLU B 203 -0.29 28.87 8.26
CA GLU B 203 -1.31 29.83 7.86
C GLU B 203 -2.43 29.07 7.14
N VAL B 204 -3.63 29.11 7.71
CA VAL B 204 -4.71 28.24 7.25
C VAL B 204 -6.04 29.02 7.07
N HIS B 205 -6.98 28.40 6.37
CA HIS B 205 -8.32 28.96 6.18
C HIS B 205 -9.35 27.84 6.33
N ALA B 206 -10.03 27.82 7.47
CA ALA B 206 -11.09 26.86 7.76
C ALA B 206 -12.42 27.61 7.65
N THR B 207 -13.44 26.96 7.09
CA THR B 207 -14.71 27.61 6.85
C THR B 207 -15.88 26.93 7.56
N ASP B 208 -15.58 26.02 8.48
CA ASP B 208 -16.63 25.39 9.30
C ASP B 208 -16.06 24.92 10.66
N ASN B 209 -15.02 24.10 10.63
CA ASN B 209 -14.43 23.57 11.86
C ASN B 209 -12.91 23.43 11.78
N LEU B 210 -12.21 24.02 12.74
CA LEU B 210 -10.75 23.89 12.82
C LEU B 210 -10.35 23.19 14.12
N LYS B 211 -9.56 22.13 13.97
CA LYS B 211 -8.92 21.44 15.08
C LYS B 211 -7.44 21.84 15.07
N ALA B 212 -7.03 22.69 16.01
CA ALA B 212 -5.67 23.24 16.05
C ALA B 212 -4.88 22.71 17.26
N ASN B 213 -3.69 22.16 16.99
CA ASN B 213 -2.83 21.60 18.05
C ASN B 213 -1.40 22.15 17.93
N VAL B 214 -0.92 22.78 19.00
CA VAL B 214 0.47 23.23 19.06
C VAL B 214 1.17 22.57 20.26
N VAL B 215 2.36 22.02 20.02
CA VAL B 215 3.22 21.54 21.08
C VAL B 215 4.57 22.20 20.89
N GLY B 216 4.86 23.20 21.73
CA GLY B 216 6.11 23.96 21.63
C GLY B 216 5.90 25.42 21.26
N LYS B 217 6.88 25.99 20.54
CA LYS B 217 6.90 27.41 20.17
C LYS B 217 6.26 27.69 18.80
N GLY B 218 5.77 26.64 18.12
CA GLY B 218 5.09 26.81 16.84
C GLY B 218 3.86 27.71 16.88
N ASN B 219 3.37 28.12 15.71
CA ASN B 219 2.23 29.03 15.61
C ASN B 219 1.26 28.63 14.51
N ILE B 220 -0.03 28.89 14.76
CA ILE B 220 -1.09 28.71 13.77
C ILE B 220 -1.85 30.01 13.62
N ARG B 221 -1.97 30.51 12.38
CA ARG B 221 -2.79 31.68 12.09
C ARG B 221 -3.90 31.23 11.15
N TYR B 222 -5.14 31.59 11.46
CA TYR B 222 -6.26 31.13 10.65
C TYR B 222 -7.21 32.26 10.25
N LYS B 223 -7.68 32.18 9.01
CA LYS B 223 -8.79 33.00 8.52
C LYS B 223 -10.07 32.20 8.73
N GLY B 224 -11.14 32.87 9.13
CA GLY B 224 -12.41 32.20 9.39
C GLY B 224 -13.31 32.23 8.16
N PRO B 225 -14.65 32.14 8.36
CA PRO B 225 -15.34 31.99 9.64
C PRO B 225 -15.38 30.52 10.03
N THR B 226 -14.98 30.22 11.27
CA THR B 226 -14.86 28.82 11.70
C THR B 226 -15.03 28.64 13.23
N ALA B 227 -15.57 27.48 13.61
CA ALA B 227 -15.55 27.02 14.99
C ALA B 227 -14.17 26.41 15.25
N VAL B 228 -13.60 26.65 16.42
CA VAL B 228 -12.24 26.16 16.72
C VAL B 228 -12.19 25.29 17.98
N GLN B 229 -11.56 24.12 17.85
CA GLN B 229 -11.13 23.31 19.00
C GLN B 229 -9.61 23.40 19.05
N GLN B 230 -9.07 24.04 20.08
CA GLN B 230 -7.63 24.30 20.12
C GLN B 230 -6.99 23.76 21.39
N ARG B 231 -5.74 23.31 21.26
CA ARG B 231 -4.94 22.85 22.40
C ARG B 231 -3.48 23.29 22.22
N ILE B 232 -2.96 24.06 23.18
CA ILE B 232 -1.58 24.54 23.15
C ILE B 232 -0.81 24.01 24.36
N ILE B 233 0.25 23.24 24.10
CA ILE B 233 1.19 22.83 25.14
C ILE B 233 2.49 23.60 24.93
N GLY B 234 2.69 24.65 25.70
CA GLY B 234 3.91 25.46 25.60
C GLY B 234 3.63 26.91 25.24
N LYS B 235 4.65 27.58 24.71
CA LYS B 235 4.60 29.02 24.50
C LYS B 235 4.10 29.44 23.12
N GLY B 236 3.80 28.47 22.26
CA GLY B 236 3.22 28.75 20.95
C GLY B 236 1.81 29.35 20.97
N THR B 237 1.29 29.69 19.80
CA THR B 237 0.03 30.41 19.70
C THR B 237 -0.86 29.90 18.58
N VAL B 238 -2.16 30.11 18.76
CA VAL B 238 -3.18 29.85 17.75
C VAL B 238 -4.07 31.09 17.71
N GLU B 239 -4.01 31.87 16.62
CA GLU B 239 -4.71 33.17 16.57
C GLU B 239 -5.40 33.45 15.24
N GLU B 240 -6.58 34.07 15.31
CA GLU B 240 -7.37 34.44 14.14
C GLU B 240 -6.80 35.67 13.44
N VAL B 241 -6.76 35.65 12.11
CA VAL B 241 -6.27 36.79 11.32
C VAL B 241 -7.43 37.57 10.70
N ASP C 4 20.69 -40.38 13.01
CA ASP C 4 22.09 -39.86 13.08
C ASP C 4 22.13 -38.47 13.73
N HIS C 5 23.08 -38.29 14.64
CA HIS C 5 23.25 -37.02 15.35
C HIS C 5 24.56 -36.37 14.91
N VAL C 6 24.54 -35.04 14.76
CA VAL C 6 25.75 -34.26 14.47
C VAL C 6 25.91 -33.06 15.43
N LYS C 7 27.17 -32.69 15.64
CA LYS C 7 27.55 -31.50 16.41
C LYS C 7 28.29 -30.51 15.48
N GLY C 8 28.02 -29.23 15.65
CA GLY C 8 28.78 -28.19 14.93
C GLY C 8 30.26 -28.24 15.31
N ASP C 9 31.15 -28.08 14.35
CA ASP C 9 32.60 -28.12 14.61
C ASP C 9 33.20 -26.78 15.11
N GLY C 10 32.36 -25.75 15.26
CA GLY C 10 32.78 -24.48 15.84
C GLY C 10 33.39 -23.45 14.89
N LYS C 11 33.67 -23.86 13.65
CA LYS C 11 34.26 -22.99 12.65
C LYS C 11 33.18 -22.49 11.68
N LEU C 12 32.75 -21.24 11.86
CA LEU C 12 31.72 -20.64 11.07
C LEU C 12 32.21 -20.34 9.66
N THR C 13 31.46 -20.79 8.66
CA THR C 13 31.70 -20.41 7.26
C THR C 13 30.41 -20.01 6.58
N SER C 14 30.52 -19.24 5.50
N SER C 14 30.52 -19.24 5.49
CA SER C 14 29.38 -18.69 4.77
CA SER C 14 29.38 -18.66 4.77
C SER C 14 29.22 -19.35 3.43
C SER C 14 29.22 -19.31 3.41
N LYS C 15 27.99 -19.63 3.03
CA LYS C 15 27.68 -20.15 1.69
C LYS C 15 26.43 -19.46 1.18
N LYS C 16 26.39 -19.13 -0.10
CA LYS C 16 25.33 -18.34 -0.69
C LYS C 16 24.74 -18.98 -1.95
N ILE C 17 23.42 -18.86 -2.12
CA ILE C 17 22.75 -19.38 -3.32
C ILE C 17 21.59 -18.49 -3.76
N SER C 18 21.15 -18.71 -5.00
CA SER C 18 20.04 -18.00 -5.60
C SER C 18 18.77 -18.77 -5.35
N VAL C 19 17.68 -18.05 -5.09
CA VAL C 19 16.40 -18.68 -4.83
C VAL C 19 15.28 -17.99 -5.61
N ALA C 20 14.16 -18.69 -5.79
CA ALA C 20 12.98 -18.12 -6.44
C ALA C 20 12.52 -16.98 -5.56
N ASP C 21 11.86 -15.98 -6.12
CA ASP C 21 11.30 -14.89 -5.29
C ASP C 21 10.23 -15.43 -4.37
N TYR C 22 10.11 -14.82 -3.21
CA TYR C 22 9.17 -15.26 -2.18
C TYR C 22 8.54 -14.02 -1.53
N ASN C 23 7.33 -14.17 -1.01
CA ASN C 23 6.67 -13.08 -0.28
C ASN C 23 6.30 -13.45 1.15
N GLU C 24 6.75 -14.62 1.57
CA GLU C 24 6.45 -15.14 2.88
C GLU C 24 7.63 -15.91 3.45
N ILE C 25 7.82 -15.81 4.75
CA ILE C 25 8.91 -16.51 5.45
C ILE C 25 8.38 -17.31 6.61
N LYS C 26 8.91 -18.52 6.80
CA LYS C 26 8.68 -19.30 8.04
C LYS C 26 10.03 -19.61 8.66
N VAL C 27 10.27 -19.14 9.89
CA VAL C 27 11.53 -19.43 10.57
C VAL C 27 11.31 -19.95 11.98
N ASP C 28 12.03 -21.03 12.27
CA ASP C 28 11.92 -21.77 13.51
C ASP C 28 13.37 -22.04 13.97
N GLY C 29 13.57 -22.38 15.23
CA GLY C 29 14.91 -22.71 15.74
C GLY C 29 15.70 -21.50 16.15
N VAL C 30 16.95 -21.73 16.57
CA VAL C 30 17.80 -20.67 17.09
C VAL C 30 18.58 -20.06 15.90
N ILE C 31 17.93 -19.17 15.14
CA ILE C 31 18.47 -18.65 13.89
C ILE C 31 18.45 -17.11 13.97
N ASP C 32 19.56 -16.44 13.58
CA ASP C 32 19.54 -15.00 13.35
C ASP C 32 19.18 -14.74 11.89
N PHE C 33 17.98 -14.23 11.66
CA PHE C 33 17.44 -14.20 10.31
C PHE C 33 17.27 -12.77 9.82
N ASN C 34 18.15 -12.38 8.88
CA ASN C 34 18.19 -11.02 8.35
C ASN C 34 17.54 -10.90 7.00
N TYR C 35 16.52 -10.04 6.90
CA TYR C 35 15.74 -9.88 5.70
C TYR C 35 15.80 -8.44 5.22
N GLU C 36 15.93 -8.27 3.91
CA GLU C 36 15.85 -6.96 3.28
C GLU C 36 14.91 -6.97 2.08
N GLN C 37 14.14 -5.90 1.92
CA GLN C 37 13.30 -5.76 0.74
C GLN C 37 14.11 -5.08 -0.40
N SER C 38 14.25 -5.79 -1.51
CA SER C 38 14.92 -5.24 -2.67
C SER C 38 14.42 -5.88 -3.97
N ASP C 39 14.65 -5.18 -5.07
CA ASP C 39 14.43 -5.72 -6.42
C ASP C 39 15.58 -6.62 -6.90
N ASP C 40 16.69 -6.67 -6.17
CA ASP C 40 17.80 -7.53 -6.56
C ASP C 40 17.35 -8.98 -6.63
N PRO C 41 17.91 -9.77 -7.55
CA PRO C 41 17.58 -11.20 -7.52
C PRO C 41 17.77 -11.81 -6.12
N SER C 42 16.76 -12.56 -5.66
CA SER C 42 16.75 -13.14 -4.34
C SER C 42 17.89 -14.16 -4.13
N THR C 43 18.61 -14.00 -3.03
CA THR C 43 19.62 -14.95 -2.62
C THR C 43 19.36 -15.34 -1.15
N VAL C 44 19.90 -16.46 -0.72
CA VAL C 44 19.99 -16.81 0.71
C VAL C 44 21.45 -17.10 1.01
N GLU C 45 22.03 -16.40 1.98
CA GLU C 45 23.38 -16.67 2.45
C GLU C 45 23.27 -17.26 3.86
N VAL C 46 23.93 -18.40 4.11
CA VAL C 46 23.88 -19.05 5.43
C VAL C 46 25.28 -19.12 6.03
N THR C 47 25.43 -18.62 7.25
CA THR C 47 26.67 -18.74 8.00
C THR C 47 26.39 -19.66 9.17
N VAL C 48 27.04 -20.83 9.17
CA VAL C 48 26.83 -21.85 10.20
C VAL C 48 28.14 -22.62 10.33
N ASP C 49 28.25 -23.49 11.33
CA ASP C 49 29.43 -24.35 11.46
C ASP C 49 29.64 -25.08 10.16
N GLN C 50 30.86 -25.05 9.69
CA GLN C 50 31.19 -25.51 8.34
C GLN C 50 30.78 -26.96 8.01
N ASN C 51 30.93 -27.87 8.97
CA ASN C 51 30.46 -29.26 8.84
C ASN C 51 28.91 -29.44 8.76
N LEU C 52 28.15 -28.39 9.10
CA LEU C 52 26.68 -28.47 9.11
C LEU C 52 26.00 -27.98 7.81
N HIS C 53 26.74 -27.36 6.90
CA HIS C 53 26.19 -26.86 5.63
C HIS C 53 25.44 -27.91 4.80
N PRO C 54 26.00 -29.13 4.67
CA PRO C 54 25.27 -30.14 3.92
C PRO C 54 23.90 -30.51 4.48
N TYR C 55 23.60 -30.16 5.73
CA TYR C 55 22.29 -30.44 6.32
C TYR C 55 21.35 -29.24 6.27
N VAL C 56 21.81 -28.12 5.73
CA VAL C 56 20.95 -26.94 5.62
C VAL C 56 20.03 -27.10 4.41
N ASN C 57 18.72 -27.06 4.67
CA ASN C 57 17.72 -27.17 3.60
C ASN C 57 17.04 -25.83 3.35
N ILE C 58 17.32 -25.21 2.21
CA ILE C 58 16.69 -23.98 1.80
C ILE C 58 15.63 -24.26 0.73
N GLU C 59 14.38 -23.92 0.99
CA GLU C 59 13.29 -24.15 0.04
C GLU C 59 12.47 -22.90 -0.16
N VAL C 60 12.14 -22.59 -1.42
CA VAL C 60 10.97 -21.75 -1.75
C VAL C 60 9.88 -22.61 -2.45
N LYS C 61 8.70 -22.67 -1.84
CA LYS C 61 7.60 -23.48 -2.35
C LYS C 61 6.35 -22.64 -2.26
N ASP C 62 5.63 -22.49 -3.36
CA ASP C 62 4.49 -21.58 -3.42
C ASP C 62 4.77 -20.21 -2.77
N ARG C 63 5.92 -19.63 -3.14
N ARG C 63 5.90 -19.60 -3.16
CA ARG C 63 6.32 -18.28 -2.76
CA ARG C 63 6.30 -18.25 -2.73
C ARG C 63 6.61 -18.12 -1.24
C ARG C 63 6.69 -18.12 -1.25
N VAL C 64 6.80 -19.24 -0.54
CA VAL C 64 7.19 -19.25 0.88
C VAL C 64 8.61 -19.78 1.03
N LEU C 65 9.47 -19.01 1.69
CA LEU C 65 10.85 -19.44 2.04
C LEU C 65 10.86 -20.13 3.44
N THR C 66 11.44 -21.34 3.49
CA THR C 66 11.74 -21.97 4.75
C THR C 66 13.22 -22.43 4.72
N ILE C 67 13.94 -22.19 5.82
CA ILE C 67 15.30 -22.63 5.98
C ILE C 67 15.37 -23.46 7.27
N ALA C 68 15.75 -24.72 7.17
CA ALA C 68 15.88 -25.56 8.35
C ALA C 68 16.92 -26.66 8.10
N PHE C 69 17.21 -27.42 9.14
CA PHE C 69 18.15 -28.54 9.05
C PHE C 69 17.40 -29.80 8.60
N LYS C 70 18.09 -30.69 7.89
CA LYS C 70 17.47 -31.93 7.43
C LYS C 70 18.53 -33.01 7.28
N GLY C 71 18.14 -34.27 7.43
CA GLY C 71 19.01 -35.43 7.17
C GLY C 71 20.00 -35.76 8.28
N ALA C 72 19.73 -35.25 9.47
CA ALA C 72 20.54 -35.46 10.67
C ALA C 72 19.90 -34.68 11.81
N LYS C 73 19.93 -35.21 13.02
CA LYS C 73 19.54 -34.42 14.20
C LYS C 73 20.79 -33.63 14.58
N VAL C 74 20.67 -32.30 14.57
CA VAL C 74 21.79 -31.44 14.88
C VAL C 74 21.76 -31.09 16.36
N ASP C 75 22.68 -31.68 17.12
CA ASP C 75 22.66 -31.59 18.57
C ASP C 75 23.13 -30.24 19.08
N HIS C 76 24.08 -29.64 18.36
CA HIS C 76 24.70 -28.37 18.80
C HIS C 76 25.34 -27.64 17.64
N PHE C 77 25.19 -26.33 17.63
CA PHE C 77 25.92 -25.46 16.69
C PHE C 77 26.30 -24.15 17.39
N THR C 78 27.29 -23.47 16.81
CA THR C 78 27.81 -22.19 17.29
C THR C 78 26.90 -21.02 16.98
N LYS C 79 26.54 -20.90 15.71
CA LYS C 79 25.65 -19.84 15.26
C LYS C 79 25.03 -20.26 13.92
N PHE C 80 23.83 -19.76 13.66
CA PHE C 80 23.10 -19.99 12.40
C PHE C 80 22.57 -18.61 11.95
N ILE C 81 23.19 -18.02 10.95
CA ILE C 81 22.87 -16.65 10.50
C ILE C 81 22.39 -16.71 9.06
N VAL C 82 21.17 -16.24 8.81
CA VAL C 82 20.61 -16.12 7.44
C VAL C 82 20.60 -14.67 7.02
N LYS C 83 20.92 -14.44 5.75
CA LYS C 83 20.84 -13.14 5.10
C LYS C 83 20.17 -13.34 3.75
N THR C 84 19.03 -12.70 3.53
CA THR C 84 18.21 -12.92 2.32
C THR C 84 17.35 -11.74 1.97
N ASN C 85 16.85 -11.73 0.73
CA ASN C 85 16.02 -10.61 0.24
C ASN C 85 14.91 -11.03 -0.74
N SER C 86 13.87 -10.21 -0.84
CA SER C 86 12.83 -10.42 -1.82
C SER C 86 12.16 -9.10 -2.14
N LYS C 87 11.27 -9.09 -3.12
CA LYS C 87 10.63 -7.84 -3.54
C LYS C 87 9.58 -7.35 -2.57
N TRP C 88 8.87 -8.31 -2.01
N TRP C 88 8.97 -8.24 -1.79
CA TRP C 88 7.77 -8.05 -1.12
CA TRP C 88 7.91 -7.83 -0.85
C TRP C 88 7.91 -9.01 0.05
C TRP C 88 7.70 -8.85 0.28
N LEU C 89 7.30 -8.63 1.18
N LEU C 89 7.37 -8.43 1.51
CA LEU C 89 7.12 -9.51 2.35
CA LEU C 89 7.09 -9.42 2.57
C LEU C 89 5.70 -9.33 2.91
C LEU C 89 5.64 -9.29 2.99
N ALA C 90 4.80 -10.22 2.52
CA ALA C 90 3.40 -10.16 2.90
C ALA C 90 3.19 -10.83 4.27
N ALA C 91 3.99 -11.81 4.63
CA ALA C 91 3.78 -12.51 5.91
C ALA C 91 5.08 -13.14 6.43
N ALA C 92 5.23 -13.16 7.74
CA ALA C 92 6.31 -13.88 8.40
C ALA C 92 5.72 -14.69 9.55
N LYS C 93 6.10 -15.96 9.69
CA LYS C 93 5.80 -16.74 10.89
C LYS C 93 7.12 -17.06 11.55
N VAL C 94 7.25 -16.72 12.84
CA VAL C 94 8.53 -16.72 13.55
C VAL C 94 8.34 -17.52 14.83
N SER C 95 9.11 -18.60 15.00
CA SER C 95 8.95 -19.51 16.13
C SER C 95 10.31 -19.93 16.70
N GLY C 96 10.29 -20.89 17.63
CA GLY C 96 11.52 -21.41 18.22
C GLY C 96 12.15 -20.28 18.99
N ASN C 97 13.47 -20.16 18.91
CA ASN C 97 14.13 -18.99 19.47
C ASN C 97 14.65 -18.09 18.36
N ALA C 98 13.93 -17.98 17.26
CA ALA C 98 14.44 -17.25 16.13
C ALA C 98 14.48 -15.72 16.42
N ASN C 99 15.46 -15.04 15.84
CA ASN C 99 15.59 -13.59 15.92
C ASN C 99 15.40 -13.06 14.52
N PHE C 100 14.22 -12.54 14.22
CA PHE C 100 13.85 -12.17 12.88
C PHE C 100 14.00 -10.66 12.72
N VAL C 102 14.23 -7.31 10.14
CA VAL C 102 14.05 -6.60 8.85
C VAL C 102 14.93 -5.36 8.91
N ASN C 103 15.95 -5.35 8.04
CA ASN C 103 17.05 -4.38 8.12
C ASN C 103 16.95 -3.30 7.06
N SER C 104 15.91 -3.37 6.24
CA SER C 104 15.63 -2.35 5.25
C SER C 104 14.33 -1.67 5.62
N PRO C 105 14.03 -0.51 5.00
CA PRO C 105 12.66 -0.07 5.02
C PRO C 105 11.77 -1.18 4.43
N LEU C 106 10.50 -1.23 4.84
CA LEU C 106 9.53 -2.19 4.30
C LEU C 106 8.30 -1.42 3.77
N THR C 107 8.01 -1.56 2.49
CA THR C 107 6.85 -0.89 1.90
C THR C 107 5.95 -1.94 1.24
N GLY C 108 4.64 -1.71 1.27
CA GLY C 108 3.69 -2.56 0.56
C GLY C 108 2.29 -2.48 1.13
N ASP C 109 1.40 -3.37 0.67
CA ASP C 109 -0.03 -3.26 0.98
C ASP C 109 -0.35 -3.75 2.42
N GLU C 110 0.08 -4.97 2.75
CA GLU C 110 -0.22 -5.55 4.04
C GLU C 110 0.93 -6.50 4.44
N THR C 111 1.35 -6.41 5.71
CA THR C 111 2.30 -7.40 6.26
C THR C 111 1.68 -7.97 7.55
N VAL C 112 1.67 -9.30 7.64
CA VAL C 112 1.19 -10.03 8.82
C VAL C 112 2.36 -10.79 9.45
N ILE C 113 2.69 -10.48 10.70
CA ILE C 113 3.73 -11.17 11.39
C ILE C 113 3.16 -11.89 12.63
N LYS C 114 3.54 -13.16 12.76
CA LYS C 114 3.16 -13.97 13.92
C LYS C 114 4.42 -14.47 14.57
N ALA C 115 4.58 -14.17 15.86
CA ALA C 115 5.75 -14.66 16.64
C ALA C 115 5.25 -15.45 17.83
N ASN C 116 5.81 -16.62 18.07
CA ASN C 116 5.53 -17.38 19.27
C ASN C 116 6.81 -17.99 19.87
N ALA C 117 6.64 -18.97 20.75
CA ALA C 117 7.74 -19.63 21.44
C ALA C 117 8.55 -18.58 22.17
N ASN C 118 9.85 -18.46 21.95
CA ASN C 118 10.63 -17.40 22.55
C ASN C 118 11.31 -16.56 21.45
N SER C 119 10.59 -16.24 20.39
N SER C 119 10.59 -16.26 20.39
CA SER C 119 11.15 -15.46 19.29
CA SER C 119 11.12 -15.48 19.25
C SER C 119 11.22 -13.96 19.56
C SER C 119 11.14 -13.96 19.49
N LEU C 120 11.98 -13.28 18.70
CA LEU C 120 12.12 -11.84 18.74
C LEU C 120 11.95 -11.37 17.30
N VAL C 121 11.12 -10.36 17.09
CA VAL C 121 11.00 -9.70 15.79
C VAL C 121 11.46 -8.26 15.95
N GLN C 122 12.29 -7.81 15.00
CA GLN C 122 12.81 -6.44 14.99
C GLN C 122 12.66 -5.82 13.61
N LEU C 123 11.71 -4.90 13.48
CA LEU C 123 11.55 -4.12 12.27
C LEU C 123 12.28 -2.82 12.49
N LYS C 124 13.47 -2.72 11.93
CA LYS C 124 14.42 -1.70 12.30
C LYS C 124 14.33 -0.40 11.53
N GLU C 125 13.77 -0.46 10.31
CA GLU C 125 13.61 0.76 9.49
C GLU C 125 12.12 1.02 9.26
N THR C 126 11.84 2.13 8.60
CA THR C 126 10.48 2.57 8.39
C THR C 126 9.64 1.53 7.66
N VAL C 127 8.52 1.16 8.27
CA VAL C 127 7.54 0.27 7.68
C VAL C 127 6.38 1.15 7.16
N THR C 128 6.25 1.28 5.84
CA THR C 128 5.18 2.08 5.22
C THR C 128 4.20 1.13 4.53
N VAL C 129 3.09 0.83 5.19
CA VAL C 129 2.17 -0.20 4.71
C VAL C 129 0.72 0.23 4.86
N GLY C 130 -0.16 -0.40 4.10
CA GLY C 130 -1.57 -0.19 4.27
C GLY C 130 -1.98 -0.74 5.62
N LYS C 131 -1.61 -1.98 5.91
CA LYS C 131 -1.92 -2.60 7.20
C LYS C 131 -0.69 -3.34 7.71
N LEU C 132 -0.35 -3.13 8.98
CA LEU C 132 0.59 -4.01 9.76
C LEU C 132 -0.23 -4.76 10.79
N ASP C 133 -0.16 -6.09 10.78
CA ASP C 133 -0.97 -6.95 11.63
C ASP C 133 0.02 -7.83 12.39
N LEU C 134 0.11 -7.59 13.70
CA LEU C 134 1.15 -8.20 14.53
C LEU C 134 0.48 -9.06 15.58
N ASN C 135 1.00 -10.25 15.79
CA ASN C 135 0.48 -11.17 16.81
C ASN C 135 1.66 -11.81 17.52
N VAL C 136 1.71 -11.65 18.85
CA VAL C 136 2.63 -12.42 19.68
C VAL C 136 1.86 -13.40 20.57
N SER C 137 2.43 -14.56 20.74
CA SER C 137 1.97 -15.52 21.76
C SER C 137 3.20 -16.23 22.32
N GLY C 138 3.01 -17.21 23.22
CA GLY C 138 4.16 -17.86 23.90
C GLY C 138 4.84 -16.74 24.68
N SER C 139 6.16 -16.68 24.62
CA SER C 139 6.93 -15.64 25.29
C SER C 139 7.59 -14.62 24.31
N ALA C 140 7.01 -14.48 23.12
CA ALA C 140 7.65 -13.78 22.02
C ALA C 140 7.57 -12.27 22.13
N ASN C 141 8.52 -11.54 21.53
CA ASN C 141 8.60 -10.08 21.63
C ASN C 141 8.73 -9.49 20.22
N VAL C 143 9.79 -5.60 18.36
CA VAL C 143 10.16 -4.20 18.49
C VAL C 143 10.11 -3.54 17.11
N VAL C 144 9.24 -2.55 16.93
CA VAL C 144 9.06 -1.84 15.66
C VAL C 144 9.59 -0.42 15.84
N ASN C 145 10.63 -0.03 15.10
CA ASN C 145 11.20 1.31 15.26
C ASN C 145 10.33 2.44 14.69
N HIS C 146 9.76 2.24 13.51
CA HIS C 146 9.03 3.33 12.83
C HIS C 146 7.97 2.83 11.85
N LEU C 147 6.70 3.13 12.15
CA LEU C 147 5.55 2.71 11.29
C LEU C 147 4.87 3.91 10.72
N GLU C 148 4.53 3.86 9.42
CA GLU C 148 3.57 4.79 8.81
C GLU C 148 2.54 3.94 8.10
N ALA C 149 1.34 3.85 8.65
CA ALA C 149 0.34 2.88 8.20
C ALA C 149 -1.05 3.48 8.12
N ASP C 150 -1.93 2.85 7.36
CA ASP C 150 -3.35 3.14 7.41
C ASP C 150 -3.97 2.45 8.62
N LYS C 151 -3.55 1.22 8.88
CA LYS C 151 -4.13 0.40 9.95
C LYS C 151 -3.03 -0.41 10.68
N ILE C 152 -3.10 -0.38 12.01
CA ILE C 152 -2.29 -1.23 12.86
C ILE C 152 -3.21 -2.14 13.69
N GLU C 153 -2.90 -3.44 13.69
CA GLU C 153 -3.54 -4.44 14.53
C GLU C 153 -2.43 -5.12 15.37
N CYS C 154 -2.60 -5.09 16.69
CA CYS C 154 -1.72 -5.71 17.65
C CYS C 154 -2.46 -6.61 18.57
N ASP C 155 -2.02 -7.86 18.66
CA ASP C 155 -2.60 -8.86 19.53
C ASP C 155 -1.52 -9.47 20.39
N ILE C 156 -1.61 -9.30 21.70
CA ILE C 156 -0.76 -10.03 22.65
C ILE C 156 -1.58 -11.15 23.28
N ASP C 157 -1.33 -12.39 22.90
CA ASP C 157 -1.98 -13.58 23.52
C ASP C 157 -0.95 -14.39 24.35
N GLY C 158 0.14 -13.77 24.75
CA GLY C 158 1.23 -14.41 25.49
C GLY C 158 1.89 -13.52 26.55
N SER C 159 3.01 -13.98 27.07
CA SER C 159 3.71 -13.30 28.17
C SER C 159 4.66 -12.19 27.68
N GLY C 160 4.67 -11.95 26.39
CA GLY C 160 5.65 -11.07 25.79
C GLY C 160 5.10 -9.69 25.54
N SER C 161 5.69 -8.99 24.60
CA SER C 161 5.50 -7.56 24.49
C SER C 161 5.68 -7.09 23.04
N ILE C 162 4.86 -6.12 22.62
CA ILE C 162 5.05 -5.44 21.34
C ILE C 162 5.39 -3.99 21.63
N THR C 163 6.55 -3.52 21.13
CA THR C 163 6.92 -2.10 21.22
C THR C 163 6.87 -1.47 19.85
N ILE C 164 6.19 -0.33 19.73
CA ILE C 164 6.23 0.51 18.50
C ILE C 164 6.66 1.92 18.92
N LYS C 165 7.82 2.34 18.43
CA LYS C 165 8.55 3.42 19.06
C LYS C 165 8.17 4.78 18.53
N LYS C 166 7.78 4.83 17.26
N LYS C 166 7.89 4.88 17.24
CA LYS C 166 7.67 6.06 16.49
CA LYS C 166 7.38 6.12 16.69
C LYS C 166 6.67 5.87 15.34
C LYS C 166 6.66 5.89 15.38
N GLY C 167 5.93 6.91 14.97
CA GLY C 167 5.18 6.88 13.70
C GLY C 167 3.73 7.24 13.82
N ASN C 168 2.96 6.87 12.79
CA ASN C 168 1.52 7.17 12.70
C ASN C 168 0.78 5.98 12.11
N ALA C 169 -0.42 5.70 12.63
CA ALA C 169 -1.34 4.77 11.99
C ALA C 169 -2.71 5.43 12.02
N LYS C 170 -3.46 5.45 10.92
CA LYS C 170 -4.79 6.14 10.88
C LYS C 170 -5.86 5.49 11.78
N GLU C 171 -5.78 4.17 11.91
CA GLU C 171 -6.70 3.41 12.75
C GLU C 171 -5.91 2.34 13.46
N GLY C 172 -6.38 1.91 14.63
CA GLY C 172 -5.68 0.88 15.41
C GLY C 172 -6.66 0.04 16.20
N ASP C 173 -6.42 -1.27 16.25
CA ASP C 173 -7.08 -2.16 17.20
C ASP C 173 -5.97 -2.87 17.95
N TYR C 174 -5.94 -2.67 19.26
CA TYR C 174 -5.00 -3.34 20.13
C TYR C 174 -5.77 -4.29 21.02
N SER C 175 -5.23 -5.49 21.21
CA SER C 175 -5.87 -6.50 22.06
C SER C 175 -4.82 -7.22 22.91
N ILE C 176 -5.00 -7.20 24.24
CA ILE C 176 -4.17 -7.98 25.15
C ILE C 176 -5.07 -8.97 25.88
N VAL C 177 -4.83 -10.26 25.69
CA VAL C 177 -5.60 -11.32 26.31
C VAL C 177 -4.78 -12.07 27.37
N SER C 178 -3.48 -11.85 27.38
CA SER C 178 -2.53 -12.49 28.25
C SER C 178 -1.92 -11.53 29.33
N SER C 179 -0.76 -11.91 29.90
CA SER C 179 -0.01 -11.09 30.84
C SER C 179 0.91 -10.03 30.16
N GLY C 180 0.88 -9.99 28.82
CA GLY C 180 1.81 -9.21 28.03
C GLY C 180 1.50 -7.74 27.91
N ASP C 181 2.40 -6.99 27.28
CA ASP C 181 2.38 -5.52 27.26
C ASP C 181 2.42 -4.99 25.81
N ILE C 182 1.76 -3.86 25.59
CA ILE C 182 1.93 -3.06 24.38
C ILE C 182 2.57 -1.73 24.80
N HIS C 183 3.72 -1.41 24.22
CA HIS C 183 4.39 -0.15 24.45
C HIS C 183 4.31 0.63 23.14
N ALA C 184 3.26 1.43 23.01
CA ALA C 184 3.01 2.21 21.79
C ALA C 184 2.65 3.67 22.08
N PHE C 185 3.25 4.25 23.12
CA PHE C 185 3.15 5.70 23.44
C PHE C 185 3.58 6.55 22.25
N GLY C 186 4.58 6.08 21.50
CA GLY C 186 5.12 6.82 20.37
C GLY C 186 4.42 6.68 19.03
N LEU C 187 3.51 5.73 18.89
CA LEU C 187 2.67 5.66 17.69
C LEU C 187 1.35 6.43 17.87
N ALA C 188 1.23 7.53 17.12
CA ALA C 188 0.05 8.37 17.12
C ALA C 188 -1.08 7.73 16.30
N VAL C 189 -2.20 7.43 16.93
CA VAL C 189 -3.36 6.83 16.25
C VAL C 189 -4.62 7.66 16.47
N PRO C 190 -5.14 8.33 15.42
CA PRO C 190 -6.38 9.08 15.57
C PRO C 190 -7.59 8.28 16.02
N GLN C 191 -7.82 7.11 15.44
CA GLN C 191 -8.96 6.27 15.83
C GLN C 191 -8.46 4.95 16.39
N LEU C 192 -8.45 4.84 17.72
CA LEU C 192 -7.87 3.71 18.38
C LEU C 192 -8.87 3.00 19.24
N SER C 193 -8.89 1.67 19.14
CA SER C 193 -9.59 0.84 20.11
C SER C 193 -8.58 -0.13 20.75
N CYS C 194 -8.74 -0.33 22.04
CA CYS C 194 -7.80 -1.03 22.86
C CYS C 194 -8.54 -1.84 23.90
N LYS C 195 -8.40 -3.16 23.89
CA LYS C 195 -9.12 -4.03 24.81
C LYS C 195 -8.14 -4.85 25.57
N VAL C 196 -8.16 -4.77 26.90
CA VAL C 196 -7.26 -5.51 27.78
C VAL C 196 -8.08 -6.45 28.65
N THR C 197 -7.88 -7.74 28.44
CA THR C 197 -8.57 -8.81 29.16
C THR C 197 -7.63 -9.58 30.10
N GLY C 198 -6.32 -9.41 29.97
CA GLY C 198 -5.40 -10.05 30.86
C GLY C 198 -5.15 -9.19 32.08
N ASN C 199 -3.97 -9.38 32.67
CA ASN C 199 -3.44 -8.44 33.65
C ASN C 199 -2.28 -7.65 33.00
N GLY C 200 -2.18 -7.74 31.67
CA GLY C 200 -1.26 -6.93 30.89
C GLY C 200 -1.50 -5.42 30.93
N LEU C 201 -0.56 -4.67 30.35
CA LEU C 201 -0.60 -3.19 30.26
C LEU C 201 -0.53 -2.76 28.79
N ALA C 202 -1.36 -1.81 28.39
CA ALA C 202 -1.30 -1.17 27.09
C ALA C 202 -1.03 0.31 27.27
N GLU C 203 0.12 0.74 26.76
CA GLU C 203 0.52 2.13 26.69
C GLU C 203 0.27 2.63 25.27
N VAL C 204 -0.63 3.60 25.12
CA VAL C 204 -1.12 4.01 23.80
C VAL C 204 -1.13 5.53 23.62
N HIS C 205 -1.25 5.96 22.36
CA HIS C 205 -1.36 7.37 22.00
C HIS C 205 -2.48 7.58 20.95
N ALA C 206 -3.62 8.10 21.41
CA ALA C 206 -4.75 8.38 20.54
C ALA C 206 -4.80 9.89 20.33
N THR C 207 -5.14 10.34 19.13
CA THR C 207 -5.13 11.76 18.83
C THR C 207 -6.50 12.31 18.41
N ASP C 208 -7.55 11.52 18.54
CA ASP C 208 -8.90 11.98 18.23
C ASP C 208 -9.96 11.18 19.02
N ASN C 209 -9.92 9.86 18.94
CA ASN C 209 -10.87 9.05 19.68
C ASN C 209 -10.27 7.74 20.18
N LEU C 210 -10.48 7.44 21.47
CA LEU C 210 -10.06 6.20 22.08
C LEU C 210 -11.27 5.44 22.63
N LYS C 211 -11.39 4.18 22.23
CA LYS C 211 -12.31 3.24 22.81
C LYS C 211 -11.45 2.30 23.65
N ALA C 212 -11.61 2.35 24.98
CA ALA C 212 -10.78 1.60 25.92
C ALA C 212 -11.62 0.65 26.75
N ASN C 213 -11.24 -0.63 26.75
CA ASN C 213 -11.98 -1.70 27.46
C ASN C 213 -11.05 -2.54 28.35
N VAL C 214 -11.37 -2.60 29.63
CA VAL C 214 -10.67 -3.48 30.57
C VAL C 214 -11.68 -4.47 31.18
N VAL C 215 -11.33 -5.75 31.17
CA VAL C 215 -12.06 -6.75 31.92
C VAL C 215 -11.04 -7.48 32.77
N GLY C 216 -11.02 -7.17 34.08
CA GLY C 216 -9.99 -7.70 34.99
C GLY C 216 -9.05 -6.67 35.58
N LYS C 217 -7.83 -7.10 35.94
CA LYS C 217 -6.81 -6.28 36.60
C LYS C 217 -5.93 -5.52 35.64
N GLY C 218 -6.07 -5.76 34.33
CA GLY C 218 -5.28 -5.08 33.31
C GLY C 218 -5.38 -3.56 33.36
N ASN C 219 -4.48 -2.88 32.66
CA ASN C 219 -4.43 -1.41 32.71
C ASN C 219 -4.14 -0.85 31.33
N ILE C 220 -4.71 0.35 31.07
CA ILE C 220 -4.45 1.12 29.88
C ILE C 220 -3.97 2.50 30.31
N ARG C 221 -2.86 2.95 29.75
CA ARG C 221 -2.34 4.29 29.94
C ARG C 221 -2.26 4.97 28.57
N TYR C 222 -2.80 6.18 28.46
CA TYR C 222 -2.86 6.82 27.17
C TYR C 222 -2.36 8.25 27.25
N LYS C 223 -1.69 8.67 26.18
CA LYS C 223 -1.34 10.06 25.91
C LYS C 223 -2.39 10.62 24.97
N GLY C 224 -2.78 11.87 25.19
CA GLY C 224 -3.82 12.51 24.38
C GLY C 224 -3.23 13.31 23.23
N PRO C 225 -3.96 14.34 22.74
CA PRO C 225 -5.31 14.74 23.18
C PRO C 225 -6.36 13.89 22.48
N THR C 226 -7.31 13.37 23.24
CA THR C 226 -8.30 12.43 22.68
C THR C 226 -9.63 12.45 23.45
N ALA C 227 -10.70 12.18 22.73
CA ALA C 227 -11.99 11.86 23.33
C ALA C 227 -11.95 10.37 23.73
N VAL C 228 -12.50 10.00 24.89
CA VAL C 228 -12.43 8.63 25.38
C VAL C 228 -13.82 8.06 25.65
N GLN C 229 -14.08 6.86 25.11
CA GLN C 229 -15.19 6.01 25.56
C GLN C 229 -14.55 4.83 26.30
N GLN C 230 -14.76 4.75 27.59
CA GLN C 230 -14.09 3.72 28.41
C GLN C 230 -15.06 2.86 29.24
N ARG C 231 -14.70 1.58 29.40
CA ARG C 231 -15.44 0.68 30.25
C ARG C 231 -14.47 -0.21 31.00
N ILE C 232 -14.66 -0.30 32.31
CA ILE C 232 -13.88 -1.16 33.19
C ILE C 232 -14.75 -2.14 33.95
N ILE C 233 -14.55 -3.43 33.72
CA ILE C 233 -15.20 -4.47 34.53
C ILE C 233 -14.13 -5.11 35.41
N GLY C 234 -14.10 -4.69 36.67
CA GLY C 234 -13.11 -5.17 37.63
C GLY C 234 -12.20 -4.10 38.19
N LYS C 235 -11.04 -4.54 38.64
CA LYS C 235 -10.11 -3.72 39.42
C LYS C 235 -9.04 -3.01 38.61
N GLY C 236 -9.01 -3.27 37.31
CA GLY C 236 -8.08 -2.57 36.42
C GLY C 236 -8.40 -1.10 36.23
N THR C 237 -7.58 -0.43 35.43
CA THR C 237 -7.66 1.02 35.30
C THR C 237 -7.40 1.48 33.87
N VAL C 238 -7.96 2.65 33.52
CA VAL C 238 -7.69 3.33 32.27
C VAL C 238 -7.41 4.77 32.67
N GLU C 239 -6.19 5.25 32.43
CA GLU C 239 -5.77 6.58 32.89
C GLU C 239 -4.91 7.35 31.90
N GLU C 240 -5.11 8.66 31.87
CA GLU C 240 -4.34 9.55 31.00
C GLU C 240 -2.97 9.81 31.61
N VAL C 241 -1.94 9.83 30.75
CA VAL C 241 -0.56 10.14 31.17
C VAL C 241 -0.15 11.56 30.77
N LYS C 242 0.68 12.17 31.62
CA LYS C 242 1.13 13.59 31.51
C LYS C 242 0.00 14.55 31.90
#